data_9BWN
# 
_entry.id   9BWN 
# 
_audit_conform.dict_name       mmcif_pdbx.dic 
_audit_conform.dict_version    5.407 
_audit_conform.dict_location   http://mmcif.pdb.org/dictionaries/ascii/mmcif_pdbx.dic 
# 
loop_
_database_2.database_id 
_database_2.database_code 
_database_2.pdbx_database_accession 
_database_2.pdbx_DOI 
PDB   9BWN         pdb_00009bwn 10.2210/pdb9bwn/pdb 
WWPDB D_1000284250 ?            ?                   
# 
_pdbx_audit_revision_history.ordinal             1 
_pdbx_audit_revision_history.data_content_type   'Structure model' 
_pdbx_audit_revision_history.major_revision      1 
_pdbx_audit_revision_history.minor_revision      0 
_pdbx_audit_revision_history.revision_date       2025-11-26 
_pdbx_audit_revision_history.part_number         ? 
# 
_pdbx_audit_revision_details.ordinal             1 
_pdbx_audit_revision_details.revision_ordinal    1 
_pdbx_audit_revision_details.data_content_type   'Structure model' 
_pdbx_audit_revision_details.provider            repository 
_pdbx_audit_revision_details.type                'Initial release' 
_pdbx_audit_revision_details.description         ? 
_pdbx_audit_revision_details.details             ? 
# 
_pdbx_database_status.status_code                     REL 
_pdbx_database_status.status_code_sf                  REL 
_pdbx_database_status.status_code_mr                  ? 
_pdbx_database_status.entry_id                        9BWN 
_pdbx_database_status.recvd_initial_deposition_date   2024-05-21 
_pdbx_database_status.SG_entry                        N 
_pdbx_database_status.deposit_site                    RCSB 
_pdbx_database_status.process_site                    RCSB 
_pdbx_database_status.status_code_cs                  ? 
_pdbx_database_status.status_code_nmr_data            ? 
_pdbx_database_status.methods_development_category    ? 
_pdbx_database_status.pdb_format_compatible           Y 
# 
_pdbx_contact_author.id                 2 
_pdbx_contact_author.email              nishatseraj@gmail.com 
_pdbx_contact_author.name_first         Nishat 
_pdbx_contact_author.name_last          Seraj 
_pdbx_contact_author.name_mi            ? 
_pdbx_contact_author.role               'principal investigator/group leader' 
_pdbx_contact_author.identifier_ORCID   0000-0002-3292-377X 
# 
loop_
_audit_author.name 
_audit_author.pdbx_ordinal 
_audit_author.identifier_ORCID 
'Seraj, N.'    1 0000-0002-3292-377X 
'Cappelli, L.' 2 ?                   
'Wahome, N.'   3 ?                   
'Cinelli, P.'  4 ?                   
'Fabiola, G.'  5 ?                   
'Cartocci, E.' 6 ?                   
'Delany, I.'   7 ?                   
'Cozzi, R.'    8 ?                   
# 
_citation.abstract                  ? 
_citation.abstract_id_CAS           ? 
_citation.book_id_ISBN              ? 
_citation.book_publisher            ? 
_citation.book_publisher_city       ? 
_citation.book_title                ? 
_citation.coordinate_linkage        ? 
_citation.country                   ? 
_citation.database_id_Medline       ? 
_citation.details                   ? 
_citation.id                        primary 
_citation.journal_abbrev            'To Be Published' 
_citation.journal_id_ASTM           ? 
_citation.journal_id_CSD            0353 
_citation.journal_id_ISSN           ? 
_citation.journal_full              ? 
_citation.journal_issue             ? 
_citation.journal_volume            ? 
_citation.language                  ? 
_citation.page_first                ? 
_citation.page_last                 ? 
_citation.title                     'In silico Self-assembling Protein Nanoparticles Optimization for Protein Antigen display' 
_citation.year                      ? 
_citation.database_id_CSD           ? 
_citation.pdbx_database_id_DOI      ? 
_citation.pdbx_database_id_PubMed   ? 
_citation.pdbx_database_id_patent   ? 
_citation.unpublished_flag          ? 
# 
loop_
_citation_author.citation_id 
_citation_author.name 
_citation_author.ordinal 
_citation_author.identifier_ORCID 
primary 'Cappelli, L.'    1 ? 
primary 'Wahome, N.'      2 ? 
primary 'Cinelli, P.'     3 ? 
primary 'Giusti, F.'      4 ? 
primary 'Seraj, N.'       5 ? 
primary 'Cartocci, E.'    6 ? 
primary 'Harshbarger, W.' 7 ? 
primary 'Delany, I.'      8 ? 
primary 'Cozzi, R.'       9 ? 
# 
_entity.id                         1 
_entity.type                       polymer 
_entity.src_method                 man 
_entity.pdbx_description           Flavoprotein 
_entity.formula_weight             8756.742 
_entity.pdbx_number_of_molecules   1 
_entity.pdbx_ec                    ? 
_entity.pdbx_mutation              ? 
_entity.pdbx_fragment              ? 
_entity.details                    ? 
# 
_entity_poly.entity_id                      1 
_entity_poly.type                           'polypeptide(L)' 
_entity_poly.nstd_linkage                   no 
_entity_poly.nstd_monomer                   no 
_entity_poly.pdbx_seq_one_letter_code       MSNHTYRVIEIVGTSPDGVDAAIQNGLARAAQTMRALDWFEVQSIRGHLTDGTVAHFQVTMKVGFRLEDSGSGHHHHHH 
_entity_poly.pdbx_seq_one_letter_code_can   MSNHTYRVIEIVGTSPDGVDAAIQNGLARAAQTMRALDWFEVQSIRGHLTDGTVAHFQVTMKVGFRLEDSGSGHHHHHH 
_entity_poly.pdbx_strand_id                 A 
_entity_poly.pdbx_target_identifier         ? 
# 
loop_
_entity_poly_seq.entity_id 
_entity_poly_seq.num 
_entity_poly_seq.mon_id 
_entity_poly_seq.hetero 
1 1  MET n 
1 2  SER n 
1 3  ASN n 
1 4  HIS n 
1 5  THR n 
1 6  TYR n 
1 7  ARG n 
1 8  VAL n 
1 9  ILE n 
1 10 GLU n 
1 11 ILE n 
1 12 VAL n 
1 13 GLY n 
1 14 THR n 
1 15 SER n 
1 16 PRO n 
1 17 ASP n 
1 18 GLY n 
1 19 VAL n 
1 20 ASP n 
1 21 ALA n 
1 22 ALA n 
1 23 ILE n 
1 24 GLN n 
1 25 ASN n 
1 26 GLY n 
1 27 LEU n 
1 28 ALA n 
1 29 ARG n 
1 30 ALA n 
1 31 ALA n 
1 32 GLN n 
1 33 THR n 
1 34 MET n 
1 35 ARG n 
1 36 ALA n 
1 37 LEU n 
1 38 ASP n 
1 39 TRP n 
1 40 PHE n 
1 41 GLU n 
1 42 VAL n 
1 43 GLN n 
1 44 SER n 
1 45 ILE n 
1 46 ARG n 
1 47 GLY n 
1 48 HIS n 
1 49 LEU n 
1 50 THR n 
1 51 ASP n 
1 52 GLY n 
1 53 THR n 
1 54 VAL n 
1 55 ALA n 
1 56 HIS n 
1 57 PHE n 
1 58 GLN n 
1 59 VAL n 
1 60 THR n 
1 61 MET n 
1 62 LYS n 
1 63 VAL n 
1 64 GLY n 
1 65 PHE n 
1 66 ARG n 
1 67 LEU n 
1 68 GLU n 
1 69 ASP n 
1 70 SER n 
1 71 GLY n 
1 72 SER n 
1 73 GLY n 
1 74 HIS n 
1 75 HIS n 
1 76 HIS n 
1 77 HIS n 
1 78 HIS n 
1 79 HIS n 
# 
_entity_src_gen.entity_id                          1 
_entity_src_gen.pdbx_src_id                        1 
_entity_src_gen.pdbx_alt_source_flag               sample 
_entity_src_gen.pdbx_seq_type                      'Biological sequence' 
_entity_src_gen.pdbx_beg_seq_num                   1 
_entity_src_gen.pdbx_end_seq_num                   79 
_entity_src_gen.gene_src_common_name               ? 
_entity_src_gen.gene_src_genus                     ? 
_entity_src_gen.pdbx_gene_src_gene                 Rv1498A 
_entity_src_gen.gene_src_species                   ? 
_entity_src_gen.gene_src_strain                    ? 
_entity_src_gen.gene_src_tissue                    ? 
_entity_src_gen.gene_src_tissue_fraction           ? 
_entity_src_gen.gene_src_details                   ? 
_entity_src_gen.pdbx_gene_src_fragment             ? 
_entity_src_gen.pdbx_gene_src_scientific_name      'Mycobacterium tuberculosis' 
_entity_src_gen.pdbx_gene_src_ncbi_taxonomy_id     1773 
_entity_src_gen.pdbx_gene_src_variant              ? 
_entity_src_gen.pdbx_gene_src_cell_line            ? 
_entity_src_gen.pdbx_gene_src_atcc                 ? 
_entity_src_gen.pdbx_gene_src_organ                ? 
_entity_src_gen.pdbx_gene_src_organelle            ? 
_entity_src_gen.pdbx_gene_src_cell                 ? 
_entity_src_gen.pdbx_gene_src_cellular_location    ? 
_entity_src_gen.host_org_common_name               ? 
_entity_src_gen.pdbx_host_org_scientific_name      'Escherichia coli' 
_entity_src_gen.pdbx_host_org_ncbi_taxonomy_id     562 
_entity_src_gen.host_org_genus                     ? 
_entity_src_gen.pdbx_host_org_gene                 ? 
_entity_src_gen.pdbx_host_org_organ                ? 
_entity_src_gen.host_org_species                   ? 
_entity_src_gen.pdbx_host_org_tissue               ? 
_entity_src_gen.pdbx_host_org_tissue_fraction      ? 
_entity_src_gen.pdbx_host_org_strain               ? 
_entity_src_gen.pdbx_host_org_variant              ? 
_entity_src_gen.pdbx_host_org_cell_line            ? 
_entity_src_gen.pdbx_host_org_atcc                 ? 
_entity_src_gen.pdbx_host_org_culture_collection   ? 
_entity_src_gen.pdbx_host_org_cell                 ? 
_entity_src_gen.pdbx_host_org_organelle            ? 
_entity_src_gen.pdbx_host_org_cellular_location    ? 
_entity_src_gen.pdbx_host_org_vector_type          ? 
_entity_src_gen.pdbx_host_org_vector               ? 
_entity_src_gen.host_org_details                   ? 
_entity_src_gen.expression_system_id               ? 
_entity_src_gen.plasmid_name                       ? 
_entity_src_gen.plasmid_details                    ? 
_entity_src_gen.pdbx_description                   ? 
# 
loop_
_chem_comp.id 
_chem_comp.type 
_chem_comp.mon_nstd_flag 
_chem_comp.name 
_chem_comp.pdbx_synonyms 
_chem_comp.formula 
_chem_comp.formula_weight 
ALA 'L-peptide linking' y ALANINE         ? 'C3 H7 N O2'     89.093  
ARG 'L-peptide linking' y ARGININE        ? 'C6 H15 N4 O2 1' 175.209 
ASN 'L-peptide linking' y ASPARAGINE      ? 'C4 H8 N2 O3'    132.118 
ASP 'L-peptide linking' y 'ASPARTIC ACID' ? 'C4 H7 N O4'     133.103 
GLN 'L-peptide linking' y GLUTAMINE       ? 'C5 H10 N2 O3'   146.144 
GLU 'L-peptide linking' y 'GLUTAMIC ACID' ? 'C5 H9 N O4'     147.129 
GLY 'peptide linking'   y GLYCINE         ? 'C2 H5 N O2'     75.067  
HIS 'L-peptide linking' y HISTIDINE       ? 'C6 H10 N3 O2 1' 156.162 
ILE 'L-peptide linking' y ISOLEUCINE      ? 'C6 H13 N O2'    131.173 
LEU 'L-peptide linking' y LEUCINE         ? 'C6 H13 N O2'    131.173 
LYS 'L-peptide linking' y LYSINE          ? 'C6 H15 N2 O2 1' 147.195 
MET 'L-peptide linking' y METHIONINE      ? 'C5 H11 N O2 S'  149.211 
PHE 'L-peptide linking' y PHENYLALANINE   ? 'C9 H11 N O2'    165.189 
PRO 'L-peptide linking' y PROLINE         ? 'C5 H9 N O2'     115.130 
SER 'L-peptide linking' y SERINE          ? 'C3 H7 N O3'     105.093 
THR 'L-peptide linking' y THREONINE       ? 'C4 H9 N O3'     119.119 
TRP 'L-peptide linking' y TRYPTOPHAN      ? 'C11 H12 N2 O2'  204.225 
TYR 'L-peptide linking' y TYROSINE        ? 'C9 H11 N O3'    181.189 
VAL 'L-peptide linking' y VALINE          ? 'C5 H11 N O2'    117.146 
# 
loop_
_pdbx_poly_seq_scheme.asym_id 
_pdbx_poly_seq_scheme.entity_id 
_pdbx_poly_seq_scheme.seq_id 
_pdbx_poly_seq_scheme.mon_id 
_pdbx_poly_seq_scheme.ndb_seq_num 
_pdbx_poly_seq_scheme.pdb_seq_num 
_pdbx_poly_seq_scheme.auth_seq_num 
_pdbx_poly_seq_scheme.pdb_mon_id 
_pdbx_poly_seq_scheme.auth_mon_id 
_pdbx_poly_seq_scheme.pdb_strand_id 
_pdbx_poly_seq_scheme.pdb_ins_code 
_pdbx_poly_seq_scheme.hetero 
A 1 1  MET 1  1  1  MET MET A . n 
A 1 2  SER 2  2  2  SER SER A . n 
A 1 3  ASN 3  3  3  ASN ASN A . n 
A 1 4  HIS 4  4  4  HIS HIS A . n 
A 1 5  THR 5  5  5  THR THR A . n 
A 1 6  TYR 6  6  6  TYR TYR A . n 
A 1 7  ARG 7  7  7  ARG ARG A . n 
A 1 8  VAL 8  8  8  VAL VAL A . n 
A 1 9  ILE 9  9  9  ILE ILE A . n 
A 1 10 GLU 10 10 10 GLU GLU A . n 
A 1 11 ILE 11 11 11 ILE ILE A . n 
A 1 12 VAL 12 12 12 VAL VAL A . n 
A 1 13 GLY 13 13 13 GLY GLY A . n 
A 1 14 THR 14 14 14 THR THR A . n 
A 1 15 SER 15 15 15 SER SER A . n 
A 1 16 PRO 16 16 16 PRO PRO A . n 
A 1 17 ASP 17 17 17 ASP ASP A . n 
A 1 18 GLY 18 18 18 GLY GLY A . n 
A 1 19 VAL 19 19 19 VAL VAL A . n 
A 1 20 ASP 20 20 20 ASP ASP A . n 
A 1 21 ALA 21 21 21 ALA ALA A . n 
A 1 22 ALA 22 22 22 ALA ALA A . n 
A 1 23 ILE 23 23 23 ILE ILE A . n 
A 1 24 GLN 24 24 24 GLN GLN A . n 
A 1 25 ASN 25 25 25 ASN ASN A . n 
A 1 26 GLY 26 26 26 GLY GLY A . n 
A 1 27 LEU 27 27 27 LEU LEU A . n 
A 1 28 ALA 28 28 28 ALA ALA A . n 
A 1 29 ARG 29 29 29 ARG ARG A . n 
A 1 30 ALA 30 30 30 ALA ALA A . n 
A 1 31 ALA 31 31 31 ALA ALA A . n 
A 1 32 GLN 32 32 32 GLN GLN A . n 
A 1 33 THR 33 33 33 THR THR A . n 
A 1 34 MET 34 34 34 MET MET A . n 
A 1 35 ARG 35 35 35 ARG ARG A . n 
A 1 36 ALA 36 36 36 ALA ALA A . n 
A 1 37 LEU 37 37 37 LEU LEU A . n 
A 1 38 ASP 38 38 38 ASP ASP A . n 
A 1 39 TRP 39 39 39 TRP TRP A . n 
A 1 40 PHE 40 40 40 PHE PHE A . n 
A 1 41 GLU 41 41 41 GLU GLU A . n 
A 1 42 VAL 42 42 42 VAL VAL A . n 
A 1 43 GLN 43 43 43 GLN GLN A . n 
A 1 44 SER 44 44 44 SER SER A . n 
A 1 45 ILE 45 45 45 ILE ILE A . n 
A 1 46 ARG 46 46 46 ARG ARG A . n 
A 1 47 GLY 47 47 47 GLY GLY A . n 
A 1 48 HIS 48 48 48 HIS HIS A . n 
A 1 49 LEU 49 49 49 LEU LEU A . n 
A 1 50 THR 50 50 50 THR THR A . n 
A 1 51 ASP 51 51 51 ASP ASP A . n 
A 1 52 GLY 52 52 52 GLY GLY A . n 
A 1 53 THR 53 53 53 THR THR A . n 
A 1 54 VAL 54 54 54 VAL VAL A . n 
A 1 55 ALA 55 55 55 ALA ALA A . n 
A 1 56 HIS 56 56 56 HIS HIS A . n 
A 1 57 PHE 57 57 57 PHE PHE A . n 
A 1 58 GLN 58 58 58 GLN GLN A . n 
A 1 59 VAL 59 59 59 VAL VAL A . n 
A 1 60 THR 60 60 60 THR THR A . n 
A 1 61 MET 61 61 61 MET MET A . n 
A 1 62 LYS 62 62 62 LYS LYS A . n 
A 1 63 VAL 63 63 63 VAL VAL A . n 
A 1 64 GLY 64 64 64 GLY GLY A . n 
A 1 65 PHE 65 65 65 PHE PHE A . n 
A 1 66 ARG 66 66 66 ARG ARG A . n 
A 1 67 LEU 67 67 67 LEU LEU A . n 
A 1 68 GLU 68 68 68 GLU GLU A . n 
A 1 69 ASP 69 69 69 ASP ASP A . n 
A 1 70 SER 70 70 70 SER SER A . n 
A 1 71 GLY 71 71 71 GLY GLY A . n 
A 1 72 SER 72 72 72 SER SER A . n 
A 1 73 GLY 73 73 73 GLY GLY A . n 
A 1 74 HIS 74 74 74 HIS HIS A . n 
A 1 75 HIS 75 75 75 HIS HIS A . n 
A 1 76 HIS 76 76 76 HIS HIS A . n 
A 1 77 HIS 77 77 77 HIS HIS A . n 
A 1 78 HIS 78 78 ?  ?   ?   A . n 
A 1 79 HIS 79 79 ?  ?   ?   A . n 
# 
loop_
_pdbx_unobs_or_zero_occ_atoms.id 
_pdbx_unobs_or_zero_occ_atoms.PDB_model_num 
_pdbx_unobs_or_zero_occ_atoms.polymer_flag 
_pdbx_unobs_or_zero_occ_atoms.occupancy_flag 
_pdbx_unobs_or_zero_occ_atoms.auth_asym_id 
_pdbx_unobs_or_zero_occ_atoms.auth_comp_id 
_pdbx_unobs_or_zero_occ_atoms.auth_seq_id 
_pdbx_unobs_or_zero_occ_atoms.PDB_ins_code 
_pdbx_unobs_or_zero_occ_atoms.auth_atom_id 
_pdbx_unobs_or_zero_occ_atoms.label_alt_id 
_pdbx_unobs_or_zero_occ_atoms.label_asym_id 
_pdbx_unobs_or_zero_occ_atoms.label_comp_id 
_pdbx_unobs_or_zero_occ_atoms.label_seq_id 
_pdbx_unobs_or_zero_occ_atoms.label_atom_id 
1 1 Y 1 A HIS 77 ? CG  ? A HIS 77 CG  
2 1 Y 1 A HIS 77 ? ND1 ? A HIS 77 ND1 
3 1 Y 1 A HIS 77 ? CD2 ? A HIS 77 CD2 
4 1 Y 1 A HIS 77 ? CE1 ? A HIS 77 CE1 
5 1 Y 1 A HIS 77 ? NE2 ? A HIS 77 NE2 
# 
loop_
_software.citation_id 
_software.classification 
_software.compiler_name 
_software.compiler_version 
_software.contact_author 
_software.contact_author_email 
_software.date 
_software.description 
_software.dependencies 
_software.hardware 
_software.language 
_software.location 
_software.mods 
_software.name 
_software.os 
_software.os_version 
_software.type 
_software.version 
_software.pdbx_ordinal 
? refinement       ? ? ? ? ? ? ? ? ? ? ? PHENIX   ? ? ? 1.21.1_5286 1 
? 'model building' ? ? ? ? ? ? ? ? ? ? ? Coot     ? ? ? .           2 
? 'data reduction' ? ? ? ? ? ? ? ? ? ? ? XDS      ? ? ? .           3 
? phasing          ? ? ? ? ? ? ? ? ? ? ? PHENIX   ? ? ? 1.20.1_4487 4 
? 'data scaling'   ? ? ? ? ? ? ? ? ? ? ? HKL-2000 ? ? ? .           5 
# 
_cell.angle_alpha                  90.000 
_cell.angle_alpha_esd              ? 
_cell.angle_beta                   90.000 
_cell.angle_beta_esd               ? 
_cell.angle_gamma                  90.000 
_cell.angle_gamma_esd              ? 
_cell.entry_id                     9BWN 
_cell.details                      ? 
_cell.formula_units_Z              ? 
_cell.length_a                     139.183 
_cell.length_a_esd                 ? 
_cell.length_b                     139.183 
_cell.length_b_esd                 ? 
_cell.length_c                     139.183 
_cell.length_c_esd                 ? 
_cell.volume                       2696240.200 
_cell.volume_esd                   ? 
_cell.Z_PDB                        96 
_cell.reciprocal_angle_alpha       ? 
_cell.reciprocal_angle_beta        ? 
_cell.reciprocal_angle_gamma       ? 
_cell.reciprocal_angle_alpha_esd   ? 
_cell.reciprocal_angle_beta_esd    ? 
_cell.reciprocal_angle_gamma_esd   ? 
_cell.reciprocal_length_a          ? 
_cell.reciprocal_length_b          ? 
_cell.reciprocal_length_c          ? 
_cell.reciprocal_length_a_esd      ? 
_cell.reciprocal_length_b_esd      ? 
_cell.reciprocal_length_c_esd      ? 
_cell.pdbx_unique_axis             ? 
_cell.pdbx_esd_method              ? 
# 
_symmetry.entry_id                         9BWN 
_symmetry.cell_setting                     ? 
_symmetry.Int_Tables_number                210 
_symmetry.space_group_name_Hall            'F 4d 2 3' 
_symmetry.space_group_name_H-M             'F 41 3 2' 
_symmetry.pdbx_full_space_group_name_H-M   ? 
# 
_exptl.absorpt_coefficient_mu     ? 
_exptl.absorpt_correction_T_max   ? 
_exptl.absorpt_correction_T_min   ? 
_exptl.absorpt_correction_type    ? 
_exptl.absorpt_process_details    ? 
_exptl.entry_id                   9BWN 
_exptl.crystals_number            1 
_exptl.details                    ? 
_exptl.method                     'X-RAY DIFFRACTION' 
_exptl.method_details             ? 
# 
_exptl_crystal.colour                       ? 
_exptl_crystal.density_diffrn               ? 
_exptl_crystal.density_Matthews             3.21 
_exptl_crystal.density_method               ? 
_exptl_crystal.density_percent_sol          61.65 
_exptl_crystal.description                  ? 
_exptl_crystal.F_000                        ? 
_exptl_crystal.id                           1 
_exptl_crystal.preparation                  ? 
_exptl_crystal.size_max                     ? 
_exptl_crystal.size_mid                     ? 
_exptl_crystal.size_min                     ? 
_exptl_crystal.size_rad                     ? 
_exptl_crystal.colour_lustre                ? 
_exptl_crystal.colour_modifier              ? 
_exptl_crystal.colour_primary               ? 
_exptl_crystal.density_meas                 ? 
_exptl_crystal.density_meas_esd             ? 
_exptl_crystal.density_meas_gt              ? 
_exptl_crystal.density_meas_lt              ? 
_exptl_crystal.density_meas_temp            ? 
_exptl_crystal.density_meas_temp_esd        ? 
_exptl_crystal.density_meas_temp_gt         ? 
_exptl_crystal.density_meas_temp_lt         ? 
_exptl_crystal.pdbx_crystal_image_url       ? 
_exptl_crystal.pdbx_crystal_image_format    ? 
_exptl_crystal.pdbx_mosaicity               ? 
_exptl_crystal.pdbx_mosaicity_esd           ? 
_exptl_crystal.pdbx_mosaic_method           ? 
_exptl_crystal.pdbx_mosaic_block_size       ? 
_exptl_crystal.pdbx_mosaic_block_size_esd   ? 
# 
_exptl_crystal_grow.apparatus       ? 
_exptl_crystal_grow.atmosphere      ? 
_exptl_crystal_grow.crystal_id      1 
_exptl_crystal_grow.details         ? 
_exptl_crystal_grow.method          'VAPOR DIFFUSION, SITTING DROP' 
_exptl_crystal_grow.method_ref      ? 
_exptl_crystal_grow.pH              4.2 
_exptl_crystal_grow.pressure        ? 
_exptl_crystal_grow.pressure_esd    ? 
_exptl_crystal_grow.seeding         ? 
_exptl_crystal_grow.seeding_ref     ? 
_exptl_crystal_grow.temp_details    ? 
_exptl_crystal_grow.temp_esd        ? 
_exptl_crystal_grow.time            ? 
_exptl_crystal_grow.pdbx_details    '0.2 M Lithium sulfate, 0.1 M Phosphate/citrate pH 4.2, 20% w/v PEG 1000' 
_exptl_crystal_grow.pdbx_pH_range   ? 
_exptl_crystal_grow.temp            298 
# 
_diffrn.ambient_environment              ? 
_diffrn.ambient_temp                     100 
_diffrn.ambient_temp_details             ? 
_diffrn.ambient_temp_esd                 ? 
_diffrn.crystal_id                       1 
_diffrn.crystal_support                  ? 
_diffrn.crystal_treatment                ? 
_diffrn.details                          ? 
_diffrn.id                               1 
_diffrn.ambient_pressure                 ? 
_diffrn.ambient_pressure_esd             ? 
_diffrn.ambient_pressure_gt              ? 
_diffrn.ambient_pressure_lt              ? 
_diffrn.ambient_temp_gt                  ? 
_diffrn.ambient_temp_lt                  ? 
_diffrn.pdbx_serial_crystal_experiment   N 
# 
_diffrn_detector.details                      ? 
_diffrn_detector.detector                     PIXEL 
_diffrn_detector.diffrn_id                    1 
_diffrn_detector.type                         'DECTRIS EIGER X 16M' 
_diffrn_detector.area_resol_mean              ? 
_diffrn_detector.dtime                        ? 
_diffrn_detector.pdbx_frames_total            ? 
_diffrn_detector.pdbx_collection_time_total   ? 
_diffrn_detector.pdbx_collection_date         2022-02-16 
_diffrn_detector.pdbx_frequency               ? 
_diffrn_detector.id                           ? 
_diffrn_detector.number_of_axes               ? 
# 
_diffrn_radiation.collimation                      ? 
_diffrn_radiation.diffrn_id                        1 
_diffrn_radiation.filter_edge                      ? 
_diffrn_radiation.inhomogeneity                    ? 
_diffrn_radiation.monochromator                    ? 
_diffrn_radiation.polarisn_norm                    ? 
_diffrn_radiation.polarisn_ratio                   ? 
_diffrn_radiation.probe                            ? 
_diffrn_radiation.type                             ? 
_diffrn_radiation.xray_symbol                      ? 
_diffrn_radiation.wavelength_id                    1 
_diffrn_radiation.pdbx_monochromatic_or_laue_m_l   M 
_diffrn_radiation.pdbx_wavelength_list             ? 
_diffrn_radiation.pdbx_wavelength                  ? 
_diffrn_radiation.pdbx_diffrn_protocol             'SINGLE WAVELENGTH' 
_diffrn_radiation.pdbx_analyzer                    ? 
_diffrn_radiation.pdbx_scattering_type             x-ray 
# 
_diffrn_radiation_wavelength.id           1 
_diffrn_radiation_wavelength.wavelength   1 
_diffrn_radiation_wavelength.wt           1.0 
# 
_diffrn_source.current                     ? 
_diffrn_source.details                     ? 
_diffrn_source.diffrn_id                   1 
_diffrn_source.power                       ? 
_diffrn_source.size                        ? 
_diffrn_source.source                      SYNCHROTRON 
_diffrn_source.target                      ? 
_diffrn_source.type                        'APS BEAMLINE 22-ID' 
_diffrn_source.voltage                     ? 
_diffrn_source.take-off_angle              ? 
_diffrn_source.pdbx_wavelength_list        1 
_diffrn_source.pdbx_wavelength             ? 
_diffrn_source.pdbx_synchrotron_beamline   22-ID 
_diffrn_source.pdbx_synchrotron_site       APS 
# 
_reflns.B_iso_Wilson_estimate                          60.94 
_reflns.entry_id                                       9BWN 
_reflns.data_reduction_details                         ? 
_reflns.data_reduction_method                          ? 
_reflns.d_resolution_high                              3.00 
_reflns.d_resolution_low                               41.97 
_reflns.details                                        ? 
_reflns.limit_h_max                                    ? 
_reflns.limit_h_min                                    ? 
_reflns.limit_k_max                                    ? 
_reflns.limit_k_min                                    ? 
_reflns.limit_l_max                                    ? 
_reflns.limit_l_min                                    ? 
_reflns.number_all                                     ? 
_reflns.number_obs                                     2334 
_reflns.observed_criterion                             ? 
_reflns.observed_criterion_F_max                       ? 
_reflns.observed_criterion_F_min                       ? 
_reflns.observed_criterion_I_max                       ? 
_reflns.observed_criterion_I_min                       ? 
_reflns.observed_criterion_sigma_F                     ? 
_reflns.observed_criterion_sigma_I                     ? 
_reflns.percent_possible_obs                           90.71 
_reflns.R_free_details                                 ? 
_reflns.Rmerge_F_all                                   ? 
_reflns.Rmerge_F_obs                                   ? 
_reflns.Friedel_coverage                               ? 
_reflns.number_gt                                      ? 
_reflns.threshold_expression                           ? 
_reflns.pdbx_redundancy                                5.7 
_reflns.pdbx_netI_over_av_sigmaI                       ? 
_reflns.pdbx_netI_over_sigmaI                          34.2 
_reflns.pdbx_res_netI_over_av_sigmaI_2                 ? 
_reflns.pdbx_res_netI_over_sigmaI_2                    ? 
_reflns.pdbx_chi_squared                               ? 
_reflns.pdbx_scaling_rejects                           ? 
_reflns.pdbx_d_res_high_opt                            ? 
_reflns.pdbx_d_res_low_opt                             ? 
_reflns.pdbx_d_res_opt_method                          ? 
_reflns.phase_calculation_details                      ? 
_reflns.pdbx_Rrim_I_all                                0.088 
_reflns.pdbx_Rpim_I_all                                0.035 
_reflns.pdbx_d_opt                                     ? 
_reflns.pdbx_number_measured_all                       ? 
_reflns.pdbx_diffrn_id                                 1 
_reflns.pdbx_ordinal                                   1 
_reflns.pdbx_CC_half                                   1.00 
_reflns.pdbx_CC_star                                   1.00 
_reflns.pdbx_R_split                                   ? 
_reflns.pdbx_Rmerge_I_obs                              ? 
_reflns.pdbx_Rmerge_I_all                              ? 
_reflns.pdbx_Rsym_value                                ? 
_reflns.pdbx_CC_split_method                           ? 
_reflns.pdbx_aniso_diffraction_limit_axis_1_ortho[1]   ? 
_reflns.pdbx_aniso_diffraction_limit_axis_1_ortho[2]   ? 
_reflns.pdbx_aniso_diffraction_limit_axis_1_ortho[3]   ? 
_reflns.pdbx_aniso_diffraction_limit_axis_2_ortho[1]   ? 
_reflns.pdbx_aniso_diffraction_limit_axis_2_ortho[2]   ? 
_reflns.pdbx_aniso_diffraction_limit_axis_2_ortho[3]   ? 
_reflns.pdbx_aniso_diffraction_limit_axis_3_ortho[1]   ? 
_reflns.pdbx_aniso_diffraction_limit_axis_3_ortho[2]   ? 
_reflns.pdbx_aniso_diffraction_limit_axis_3_ortho[3]   ? 
_reflns.pdbx_aniso_diffraction_limit_1                 ? 
_reflns.pdbx_aniso_diffraction_limit_2                 ? 
_reflns.pdbx_aniso_diffraction_limit_3                 ? 
_reflns.pdbx_aniso_B_tensor_eigenvector_1_ortho[1]     ? 
_reflns.pdbx_aniso_B_tensor_eigenvector_1_ortho[2]     ? 
_reflns.pdbx_aniso_B_tensor_eigenvector_1_ortho[3]     ? 
_reflns.pdbx_aniso_B_tensor_eigenvector_2_ortho[1]     ? 
_reflns.pdbx_aniso_B_tensor_eigenvector_2_ortho[2]     ? 
_reflns.pdbx_aniso_B_tensor_eigenvector_2_ortho[3]     ? 
_reflns.pdbx_aniso_B_tensor_eigenvector_3_ortho[1]     ? 
_reflns.pdbx_aniso_B_tensor_eigenvector_3_ortho[2]     ? 
_reflns.pdbx_aniso_B_tensor_eigenvector_3_ortho[3]     ? 
_reflns.pdbx_aniso_B_tensor_eigenvalue_1               ? 
_reflns.pdbx_aniso_B_tensor_eigenvalue_2               ? 
_reflns.pdbx_aniso_B_tensor_eigenvalue_3               ? 
_reflns.pdbx_orthogonalization_convention              ? 
_reflns.pdbx_percent_possible_ellipsoidal              ? 
_reflns.pdbx_percent_possible_spherical                ? 
_reflns.pdbx_percent_possible_ellipsoidal_anomalous    ? 
_reflns.pdbx_percent_possible_spherical_anomalous      ? 
_reflns.pdbx_redundancy_anomalous                      ? 
_reflns.pdbx_CC_half_anomalous                         ? 
_reflns.pdbx_absDiff_over_sigma_anomalous              ? 
_reflns.pdbx_percent_possible_anomalous                ? 
_reflns.pdbx_observed_signal_threshold                 ? 
_reflns.pdbx_signal_type                               ? 
_reflns.pdbx_signal_details                            ? 
_reflns.pdbx_signal_software_id                        ? 
# 
_reflns_shell.d_res_high                                    3.012 
_reflns_shell.d_res_low                                     3.79 
_reflns_shell.meanI_over_sigI_all                           ? 
_reflns_shell.meanI_over_sigI_obs                           ? 
_reflns_shell.number_measured_all                           ? 
_reflns_shell.number_measured_obs                           ? 
_reflns_shell.number_possible                               ? 
_reflns_shell.number_unique_all                             ? 
_reflns_shell.number_unique_obs                             1029 
_reflns_shell.percent_possible_obs                          ? 
_reflns_shell.Rmerge_F_all                                  ? 
_reflns_shell.Rmerge_F_obs                                  ? 
_reflns_shell.meanI_over_sigI_gt                            ? 
_reflns_shell.meanI_over_uI_all                             ? 
_reflns_shell.meanI_over_uI_gt                              ? 
_reflns_shell.number_measured_gt                            ? 
_reflns_shell.number_unique_gt                              ? 
_reflns_shell.percent_possible_gt                           ? 
_reflns_shell.Rmerge_F_gt                                   ? 
_reflns_shell.Rmerge_I_gt                                   ? 
_reflns_shell.pdbx_redundancy                               ? 
_reflns_shell.pdbx_chi_squared                              ? 
_reflns_shell.pdbx_netI_over_sigmaI_all                     ? 
_reflns_shell.pdbx_netI_over_sigmaI_obs                     ? 
_reflns_shell.pdbx_Rrim_I_all                               ? 
_reflns_shell.pdbx_Rpim_I_all                               ? 
_reflns_shell.pdbx_rejects                                  ? 
_reflns_shell.pdbx_ordinal                                  1 
_reflns_shell.pdbx_diffrn_id                                1 
_reflns_shell.pdbx_CC_half                                  0.462 
_reflns_shell.pdbx_CC_star                                  0.795 
_reflns_shell.pdbx_R_split                                  ? 
_reflns_shell.percent_possible_all                          83.05 
_reflns_shell.Rmerge_I_all                                  ? 
_reflns_shell.Rmerge_I_obs                                  ? 
_reflns_shell.pdbx_Rsym_value                               ? 
_reflns_shell.pdbx_percent_possible_ellipsoidal             ? 
_reflns_shell.pdbx_percent_possible_spherical               ? 
_reflns_shell.pdbx_percent_possible_ellipsoidal_anomalous   ? 
_reflns_shell.pdbx_percent_possible_spherical_anomalous     ? 
_reflns_shell.pdbx_redundancy_anomalous                     ? 
_reflns_shell.pdbx_CC_half_anomalous                        ? 
_reflns_shell.pdbx_absDiff_over_sigma_anomalous             ? 
_reflns_shell.pdbx_percent_possible_anomalous               ? 
# 
_refine.aniso_B[1][1]                            ? 
_refine.aniso_B[1][2]                            ? 
_refine.aniso_B[1][3]                            ? 
_refine.aniso_B[2][2]                            ? 
_refine.aniso_B[2][3]                            ? 
_refine.aniso_B[3][3]                            ? 
_refine.B_iso_max                                ? 
_refine.B_iso_mean                               63.35 
_refine.B_iso_min                                ? 
_refine.correlation_coeff_Fo_to_Fc               ? 
_refine.correlation_coeff_Fo_to_Fc_free          ? 
_refine.details                                  ? 
_refine.diff_density_max                         ? 
_refine.diff_density_max_esd                     ? 
_refine.diff_density_min                         ? 
_refine.diff_density_min_esd                     ? 
_refine.diff_density_rms                         ? 
_refine.diff_density_rms_esd                     ? 
_refine.entry_id                                 9BWN 
_refine.pdbx_refine_id                           'X-RAY DIFFRACTION' 
_refine.ls_abs_structure_details                 ? 
_refine.ls_abs_structure_Flack                   ? 
_refine.ls_abs_structure_Flack_esd               ? 
_refine.ls_abs_structure_Rogers                  ? 
_refine.ls_abs_structure_Rogers_esd              ? 
_refine.ls_d_res_high                            3.01 
_refine.ls_d_res_low                             41.97 
_refine.ls_extinction_coef                       ? 
_refine.ls_extinction_coef_esd                   ? 
_refine.ls_extinction_expression                 ? 
_refine.ls_extinction_method                     ? 
_refine.ls_goodness_of_fit_all                   ? 
_refine.ls_goodness_of_fit_all_esd               ? 
_refine.ls_goodness_of_fit_obs                   ? 
_refine.ls_goodness_of_fit_obs_esd               ? 
_refine.ls_hydrogen_treatment                    ? 
_refine.ls_matrix_type                           ? 
_refine.ls_number_constraints                    ? 
_refine.ls_number_parameters                     ? 
_refine.ls_number_reflns_all                     ? 
_refine.ls_number_reflns_obs                     2334 
_refine.ls_number_reflns_R_free                  234 
_refine.ls_number_reflns_R_work                  2100 
_refine.ls_number_restraints                     ? 
_refine.ls_percent_reflns_obs                    90.71 
_refine.ls_percent_reflns_R_free                 10.03 
_refine.ls_R_factor_all                          ? 
_refine.ls_R_factor_obs                          0.2717 
_refine.ls_R_factor_R_free                       0.2913 
_refine.ls_R_factor_R_free_error                 ? 
_refine.ls_R_factor_R_free_error_details         ? 
_refine.ls_R_factor_R_work                       0.2696 
_refine.ls_R_Fsqd_factor_obs                     ? 
_refine.ls_R_I_factor_obs                        ? 
_refine.ls_redundancy_reflns_all                 ? 
_refine.ls_redundancy_reflns_obs                 ? 
_refine.ls_restrained_S_all                      ? 
_refine.ls_restrained_S_obs                      ? 
_refine.ls_shift_over_esd_max                    ? 
_refine.ls_shift_over_esd_mean                   ? 
_refine.ls_structure_factor_coef                 ? 
_refine.ls_weighting_details                     ? 
_refine.ls_weighting_scheme                      ? 
_refine.ls_wR_factor_all                         ? 
_refine.ls_wR_factor_obs                         ? 
_refine.ls_wR_factor_R_free                      ? 
_refine.ls_wR_factor_R_work                      ? 
_refine.occupancy_max                            ? 
_refine.occupancy_min                            ? 
_refine.solvent_model_details                    'FLAT BULK SOLVENT MODEL' 
_refine.solvent_model_param_bsol                 ? 
_refine.solvent_model_param_ksol                 ? 
_refine.pdbx_R_complete                          ? 
_refine.ls_R_factor_gt                           ? 
_refine.ls_goodness_of_fit_gt                    ? 
_refine.ls_goodness_of_fit_ref                   ? 
_refine.ls_shift_over_su_max                     ? 
_refine.ls_shift_over_su_max_lt                  ? 
_refine.ls_shift_over_su_mean                    ? 
_refine.ls_shift_over_su_mean_lt                 ? 
_refine.pdbx_ls_sigma_I                          ? 
_refine.pdbx_ls_sigma_F                          1.36 
_refine.pdbx_ls_sigma_Fsqd                       ? 
_refine.pdbx_data_cutoff_high_absF               ? 
_refine.pdbx_data_cutoff_high_rms_absF           ? 
_refine.pdbx_data_cutoff_low_absF                ? 
_refine.pdbx_isotropic_thermal_model             ? 
_refine.pdbx_ls_cross_valid_method               'FREE R-VALUE' 
_refine.pdbx_method_to_determine_struct          'MOLECULAR REPLACEMENT' 
_refine.pdbx_starting_model                      ? 
_refine.pdbx_stereochemistry_target_values       'GeoStd + Monomer Library + CDL v1.2' 
_refine.pdbx_R_Free_selection_details            ? 
_refine.pdbx_stereochem_target_val_spec_case     ? 
_refine.pdbx_overall_ESU_R                       ? 
_refine.pdbx_overall_ESU_R_Free                  ? 
_refine.pdbx_solvent_vdw_probe_radii             1.1000 
_refine.pdbx_solvent_ion_probe_radii             ? 
_refine.pdbx_solvent_shrinkage_radii             0.9000 
_refine.pdbx_real_space_R                        ? 
_refine.pdbx_density_correlation                 ? 
_refine.pdbx_pd_number_of_powder_patterns        ? 
_refine.pdbx_pd_number_of_points                 ? 
_refine.pdbx_pd_meas_number_of_points            ? 
_refine.pdbx_pd_proc_ls_prof_R_factor            ? 
_refine.pdbx_pd_proc_ls_prof_wR_factor           ? 
_refine.pdbx_pd_Marquardt_correlation_coeff      ? 
_refine.pdbx_pd_Fsqrd_R_factor                   ? 
_refine.pdbx_pd_ls_matrix_band_width             ? 
_refine.pdbx_overall_phase_error                 25.7585 
_refine.pdbx_overall_SU_R_free_Cruickshank_DPI   ? 
_refine.pdbx_overall_SU_R_free_Blow_DPI          ? 
_refine.pdbx_overall_SU_R_Blow_DPI               ? 
_refine.pdbx_TLS_residual_ADP_flag               ? 
_refine.pdbx_diffrn_id                           1 
_refine.overall_SU_B                             ? 
_refine.overall_SU_ML                            0.3205 
_refine.overall_SU_R_Cruickshank_DPI             ? 
_refine.overall_SU_R_free                        ? 
_refine.overall_FOM_free_R_set                   ? 
_refine.overall_FOM_work_R_set                   ? 
_refine.pdbx_average_fsc_overall                 ? 
_refine.pdbx_average_fsc_work                    ? 
_refine.pdbx_average_fsc_free                    ? 
# 
_refine_hist.pdbx_refine_id                   'X-RAY DIFFRACTION' 
_refine_hist.cycle_id                         LAST 
_refine_hist.details                          ? 
_refine_hist.d_res_high                       3.01 
_refine_hist.d_res_low                        41.97 
_refine_hist.number_atoms_solvent             0 
_refine_hist.number_atoms_total               590 
_refine_hist.number_reflns_all                ? 
_refine_hist.number_reflns_obs                ? 
_refine_hist.number_reflns_R_free             ? 
_refine_hist.number_reflns_R_work             ? 
_refine_hist.R_factor_all                     ? 
_refine_hist.R_factor_obs                     ? 
_refine_hist.R_factor_R_free                  ? 
_refine_hist.R_factor_R_work                  ? 
_refine_hist.pdbx_number_residues_total       ? 
_refine_hist.pdbx_B_iso_mean_ligand           ? 
_refine_hist.pdbx_B_iso_mean_solvent          ? 
_refine_hist.pdbx_number_atoms_protein        590 
_refine_hist.pdbx_number_atoms_nucleic_acid   0 
_refine_hist.pdbx_number_atoms_ligand         0 
_refine_hist.pdbx_number_atoms_lipid          ? 
_refine_hist.pdbx_number_atoms_carb           ? 
_refine_hist.pdbx_pseudo_atom_details         ? 
# 
loop_
_refine_ls_restr.pdbx_refine_id 
_refine_ls_restr.criterion 
_refine_ls_restr.dev_ideal 
_refine_ls_restr.dev_ideal_target 
_refine_ls_restr.number 
_refine_ls_restr.rejects 
_refine_ls_restr.type 
_refine_ls_restr.weight 
_refine_ls_restr.pdbx_restraint_function 
'X-RAY DIFFRACTION' ? 0.0141  ? 602 ? f_bond_d           ? ? 
'X-RAY DIFFRACTION' ? 1.5303  ? 814 ? f_angle_d          ? ? 
'X-RAY DIFFRACTION' ? 0.0703  ? 90  ? f_chiral_restr     ? ? 
'X-RAY DIFFRACTION' ? 0.0046  ? 107 ? f_plane_restr      ? ? 
'X-RAY DIFFRACTION' ? 17.8399 ? 209 ? f_dihedral_angle_d ? ? 
# 
loop_
_refine_ls_shell.pdbx_refine_id 
_refine_ls_shell.d_res_high 
_refine_ls_shell.d_res_low 
_refine_ls_shell.number_reflns_all 
_refine_ls_shell.number_reflns_obs 
_refine_ls_shell.number_reflns_R_free 
_refine_ls_shell.number_reflns_R_work 
_refine_ls_shell.percent_reflns_obs 
_refine_ls_shell.percent_reflns_R_free 
_refine_ls_shell.R_factor_all 
_refine_ls_shell.R_factor_obs 
_refine_ls_shell.R_factor_R_free_error 
_refine_ls_shell.R_factor_R_work 
_refine_ls_shell.redundancy_reflns_all 
_refine_ls_shell.redundancy_reflns_obs 
_refine_ls_shell.wR_factor_all 
_refine_ls_shell.wR_factor_obs 
_refine_ls_shell.wR_factor_R_free 
_refine_ls_shell.wR_factor_R_work 
_refine_ls_shell.pdbx_R_complete 
_refine_ls_shell.pdbx_total_number_of_bins_used 
_refine_ls_shell.pdbx_phase_error 
_refine_ls_shell.pdbx_fsc_work 
_refine_ls_shell.pdbx_fsc_free 
_refine_ls_shell.R_factor_R_free 
'X-RAY DIFFRACTION' 3.01 3.79  . . 103 926  83.05 . . . . 0.2717 . . . . . . . . . . . 0.2881 
'X-RAY DIFFRACTION' 3.79 41.97 . . 131 1174 97.83 . . . . 0.2687 . . . . . . . . . . . 0.2926 
# 
_struct.entry_id                     9BWN 
_struct.title                        
'Nanoparticle Crystal Structure of a Thermostabilized Mutant Rv1498A Flavoprotein from Mycobacterium tuberculosis' 
_struct.pdbx_model_details           ? 
_struct.pdbx_formula_weight          ? 
_struct.pdbx_formula_weight_method   ? 
_struct.pdbx_model_type_details      ? 
_struct.pdbx_CASP_flag               N 
# 
_struct_keywords.entry_id        9BWN 
_struct_keywords.text            'flavoprotein, nanoparticle' 
_struct_keywords.pdbx_keywords   FLAVOPROTEIN 
# 
_struct_asym.id                            A 
_struct_asym.pdbx_blank_PDB_chainid_flag   N 
_struct_asym.pdbx_modified                 N 
_struct_asym.entity_id                     1 
_struct_asym.details                       ? 
# 
_struct_ref.id                         1 
_struct_ref.db_name                    UNP 
_struct_ref.db_code                    I6XY36_MYCTU 
_struct_ref.pdbx_db_accession          I6XY36 
_struct_ref.pdbx_db_isoform            ? 
_struct_ref.entity_id                  1 
_struct_ref.pdbx_seq_one_letter_code   MSNHTYRVIEIVGTSPDGVDAAIQGGLARAAQTMRALDWFEVQSIRGHLVDGAVAHFQVTMKVGFRLEDS 
_struct_ref.pdbx_align_begin           1 
# 
_struct_ref_seq.align_id                      1 
_struct_ref_seq.ref_id                        1 
_struct_ref_seq.pdbx_PDB_id_code              9BWN 
_struct_ref_seq.pdbx_strand_id                A 
_struct_ref_seq.seq_align_beg                 1 
_struct_ref_seq.pdbx_seq_align_beg_ins_code   ? 
_struct_ref_seq.seq_align_end                 70 
_struct_ref_seq.pdbx_seq_align_end_ins_code   ? 
_struct_ref_seq.pdbx_db_accession             I6XY36 
_struct_ref_seq.db_align_beg                  1 
_struct_ref_seq.pdbx_db_align_beg_ins_code    ? 
_struct_ref_seq.db_align_end                  70 
_struct_ref_seq.pdbx_db_align_end_ins_code    ? 
_struct_ref_seq.pdbx_auth_seq_align_beg       1 
_struct_ref_seq.pdbx_auth_seq_align_end       70 
# 
loop_
_struct_ref_seq_dif.align_id 
_struct_ref_seq_dif.pdbx_pdb_id_code 
_struct_ref_seq_dif.mon_id 
_struct_ref_seq_dif.pdbx_pdb_strand_id 
_struct_ref_seq_dif.seq_num 
_struct_ref_seq_dif.pdbx_pdb_ins_code 
_struct_ref_seq_dif.pdbx_seq_db_name 
_struct_ref_seq_dif.pdbx_seq_db_accession_code 
_struct_ref_seq_dif.db_mon_id 
_struct_ref_seq_dif.pdbx_seq_db_seq_num 
_struct_ref_seq_dif.details 
_struct_ref_seq_dif.pdbx_auth_seq_num 
_struct_ref_seq_dif.pdbx_ordinal 
1 9BWN ASN A 25 ? UNP I6XY36 GLY 25 conflict         25 1  
1 9BWN THR A 50 ? UNP I6XY36 VAL 50 conflict         50 2  
1 9BWN THR A 53 ? UNP I6XY36 ALA 53 conflict         53 3  
1 9BWN GLY A 71 ? UNP I6XY36 ?   ?  'expression tag' 71 4  
1 9BWN SER A 72 ? UNP I6XY36 ?   ?  'expression tag' 72 5  
1 9BWN GLY A 73 ? UNP I6XY36 ?   ?  'expression tag' 73 6  
1 9BWN HIS A 74 ? UNP I6XY36 ?   ?  'expression tag' 74 7  
1 9BWN HIS A 75 ? UNP I6XY36 ?   ?  'expression tag' 75 8  
1 9BWN HIS A 76 ? UNP I6XY36 ?   ?  'expression tag' 76 9  
1 9BWN HIS A 77 ? UNP I6XY36 ?   ?  'expression tag' 77 10 
1 9BWN HIS A 78 ? UNP I6XY36 ?   ?  'expression tag' 78 11 
1 9BWN HIS A 79 ? UNP I6XY36 ?   ?  'expression tag' 79 12 
# 
_pdbx_struct_assembly.id                   1 
_pdbx_struct_assembly.details              software_defined_assembly 
_pdbx_struct_assembly.method_details       PISA 
_pdbx_struct_assembly.oligomeric_details   dodecameric 
_pdbx_struct_assembly.oligomeric_count     12 
# 
loop_
_pdbx_struct_assembly_prop.biol_id 
_pdbx_struct_assembly_prop.type 
_pdbx_struct_assembly_prop.value 
_pdbx_struct_assembly_prop.details 
1 'ABSA (A^2)' 28390 ? 
1 MORE         -106  ? 
1 'SSA (A^2)'  35420 ? 
# 
_pdbx_struct_assembly_gen.assembly_id       1 
_pdbx_struct_assembly_gen.oper_expression   1,2,3,4,5,6,7,8,9,10,11,12 
_pdbx_struct_assembly_gen.asym_id_list      A 
# 
_pdbx_struct_assembly_auth_evidence.id                     1 
_pdbx_struct_assembly_auth_evidence.assembly_id            1 
_pdbx_struct_assembly_auth_evidence.experimental_support   none 
_pdbx_struct_assembly_auth_evidence.details                ? 
# 
loop_
_pdbx_struct_oper_list.id 
_pdbx_struct_oper_list.type 
_pdbx_struct_oper_list.name 
_pdbx_struct_oper_list.symmetry_operation 
_pdbx_struct_oper_list.matrix[1][1] 
_pdbx_struct_oper_list.matrix[1][2] 
_pdbx_struct_oper_list.matrix[1][3] 
_pdbx_struct_oper_list.vector[1] 
_pdbx_struct_oper_list.matrix[2][1] 
_pdbx_struct_oper_list.matrix[2][2] 
_pdbx_struct_oper_list.matrix[2][3] 
_pdbx_struct_oper_list.vector[2] 
_pdbx_struct_oper_list.matrix[3][1] 
_pdbx_struct_oper_list.matrix[3][2] 
_pdbx_struct_oper_list.matrix[3][3] 
_pdbx_struct_oper_list.vector[3] 
1  'identity operation'         1_555  x,y,z           1.0000000000  0.0000000000  0.0000000000  0.0000000000   0.0000000000  1.0000000000  0.0000000000  0.0000000000   0.0000000000  0.0000000000  1.0000000000  0.0000000000   
2  'crystal symmetry operation' 7_554  -z,-x+1/2,y-1/2 0.6238410549  0.1914733608  -0.7577336540 -18.7231983515 0.7731445278  -0.2930117282 0.5624870365  27.9102853835  -0.1143235641 -0.9367401343 -0.3308293267 -17.3853700186 
3  'crystal symmetry operation' 10_555 -y+1/2,z+1/2,-x 0.6238410549  0.7731445278  -0.1143235641 -11.8859420686 0.1914733608  -0.2930117282 -0.9367401343 -4.5225391795  -0.7577336540 0.5624870365  -0.3308293267 -35.6379614722 
4  'crystal symmetry operation' 27_554 -x+1/2,y,-z-1/2 -0.9195831541 0.0902201865  -0.3823965750 -24.6190079888 0.0902201865  -0.8987813813 -0.4290132243 8.9231826466   -0.3823965750 -0.4290132243 0.8183645354  -3.0720248151  
5  'crystal symmetry operation' 30_555 z+1/2,-x+1/2,-y -0.4602035420 0.1556949692  0.8740547903  1.7647069106   -0.5895585294 0.6825021535  -0.4319855911 -10.3927190021 -0.6638022599 -0.7141077559 -0.2222986114 -22.1137896752 
6  'crystal symmetry operation' 33_554 y,z+1/2,x-1/2   -0.2666442086 -0.9524993725 0.1471251555  -0.4690858139  0.2092681227  0.0917923521  0.9735404547  27.2047615057  -0.9408016363 0.2903775292  0.1748518565  -25.7514959454 
7  'crystal symmetry operation' 50_555 -x+1/2,-y+1/2,z 0.5866027279  -0.7966612494 0.1456986388  5.7059288928   -0.7966612494 -0.5999823175 -0.0731578596 5.0914174306   0.1456986388  -0.0731578596 -0.9866204104 -34.2961843379 
8  'crystal symmetry operation' 53_554 z+1/2,x,y-1/2   -0.2666442086 0.2092681227  -0.9408016363 -30.0452179067 -0.9524993725 0.0917923521  0.2903775292  4.5336627739   0.1471251555  0.9735404547  0.1748518565  -21.9132246897 
9  'crystal symmetry operation' 59_555 y,-z,-x         0.1030066958  0.7689133741  0.6310006686  -2.8558679128  -0.5564364527 -0.4812827774 0.6773074356  19.8811274094  0.8244804999  -0.4208789746 0.3782760817  -0.5359504585  
10 'crystal symmetry operation' 76_554 x,-y+1/2,-z-1/2 -0.6670195738 0.7064410628  0.2366979361  -16.2919920216 0.7064410628  0.4987636988  0.5021710839  19.5754180495  0.2366979361  0.5021710839  -0.8317441250 -35.5050188509 
11 'crystal symmetry operation' 80_555 -z,x,-y         0.1030066958  -0.5564364527 0.8244804999  11.7986382300  0.7689133741  -0.4812827774 -0.4208789746 11.5387889714  0.6310006686  0.6773074356  0.3782760817  -11.4608436204 
12 'crystal symmetry operation' 84_554 -y+1/2,-z,x-1/2 -0.4602035420 -0.5895585294 -0.6638022599 -19.9941753224 0.1556949692  0.6825021535  -0.7141077559 -8.9733316090  0.8740547903  -0.4319855911 -0.2222986114 -10.9478201277 
# 
loop_
_struct_conf.conf_type_id 
_struct_conf.id 
_struct_conf.pdbx_PDB_helix_id 
_struct_conf.beg_label_comp_id 
_struct_conf.beg_label_asym_id 
_struct_conf.beg_label_seq_id 
_struct_conf.pdbx_beg_PDB_ins_code 
_struct_conf.end_label_comp_id 
_struct_conf.end_label_asym_id 
_struct_conf.end_label_seq_id 
_struct_conf.pdbx_end_PDB_ins_code 
_struct_conf.beg_auth_comp_id 
_struct_conf.beg_auth_asym_id 
_struct_conf.beg_auth_seq_id 
_struct_conf.end_auth_comp_id 
_struct_conf.end_auth_asym_id 
_struct_conf.end_auth_seq_id 
_struct_conf.pdbx_PDB_helix_class 
_struct_conf.details 
_struct_conf.pdbx_PDB_helix_length 
HELX_P HELX_P1 AA1 GLY A 18 ? MET A 34 ? GLY A 18 MET A 34 1 ? 17 
HELX_P HELX_P2 AA2 ASP A 51 ? THR A 53 ? ASP A 51 THR A 53 5 ? 3  
# 
_struct_conf_type.id          HELX_P 
_struct_conf_type.criteria    ? 
_struct_conf_type.reference   ? 
# 
_struct_sheet.id               AA1 
_struct_sheet.type             ? 
_struct_sheet.number_strands   3 
_struct_sheet.details          ? 
# 
loop_
_struct_sheet_order.sheet_id 
_struct_sheet_order.range_id_1 
_struct_sheet_order.range_id_2 
_struct_sheet_order.offset 
_struct_sheet_order.sense 
AA1 1 2 ? anti-parallel 
AA1 2 3 ? anti-parallel 
# 
loop_
_struct_sheet_range.sheet_id 
_struct_sheet_range.id 
_struct_sheet_range.beg_label_comp_id 
_struct_sheet_range.beg_label_asym_id 
_struct_sheet_range.beg_label_seq_id 
_struct_sheet_range.pdbx_beg_PDB_ins_code 
_struct_sheet_range.end_label_comp_id 
_struct_sheet_range.end_label_asym_id 
_struct_sheet_range.end_label_seq_id 
_struct_sheet_range.pdbx_end_PDB_ins_code 
_struct_sheet_range.beg_auth_comp_id 
_struct_sheet_range.beg_auth_asym_id 
_struct_sheet_range.beg_auth_seq_id 
_struct_sheet_range.end_auth_comp_id 
_struct_sheet_range.end_auth_asym_id 
_struct_sheet_range.end_auth_seq_id 
AA1 1 TYR A 6  ? SER A 15 ? TYR A 6  SER A 15 
AA1 2 VAL A 54 ? ARG A 66 ? VAL A 54 ARG A 66 
AA1 3 LEU A 37 ? THR A 50 ? LEU A 37 THR A 50 
# 
loop_
_pdbx_struct_sheet_hbond.sheet_id 
_pdbx_struct_sheet_hbond.range_id_1 
_pdbx_struct_sheet_hbond.range_id_2 
_pdbx_struct_sheet_hbond.range_1_label_atom_id 
_pdbx_struct_sheet_hbond.range_1_label_comp_id 
_pdbx_struct_sheet_hbond.range_1_label_asym_id 
_pdbx_struct_sheet_hbond.range_1_label_seq_id 
_pdbx_struct_sheet_hbond.range_1_PDB_ins_code 
_pdbx_struct_sheet_hbond.range_1_auth_atom_id 
_pdbx_struct_sheet_hbond.range_1_auth_comp_id 
_pdbx_struct_sheet_hbond.range_1_auth_asym_id 
_pdbx_struct_sheet_hbond.range_1_auth_seq_id 
_pdbx_struct_sheet_hbond.range_2_label_atom_id 
_pdbx_struct_sheet_hbond.range_2_label_comp_id 
_pdbx_struct_sheet_hbond.range_2_label_asym_id 
_pdbx_struct_sheet_hbond.range_2_label_seq_id 
_pdbx_struct_sheet_hbond.range_2_PDB_ins_code 
_pdbx_struct_sheet_hbond.range_2_auth_atom_id 
_pdbx_struct_sheet_hbond.range_2_auth_comp_id 
_pdbx_struct_sheet_hbond.range_2_auth_asym_id 
_pdbx_struct_sheet_hbond.range_2_auth_seq_id 
AA1 1 2 N ILE A 9  ? N ILE A 9  O VAL A 63 ? O VAL A 63 
AA1 2 3 O GLN A 58 ? O GLN A 58 N ARG A 46 ? N ARG A 46 
# 
_pdbx_entry_details.entry_id                   9BWN 
_pdbx_entry_details.compound_details           ? 
_pdbx_entry_details.source_details             ? 
_pdbx_entry_details.nonpolymer_details         ? 
_pdbx_entry_details.sequence_details           ? 
_pdbx_entry_details.has_ligand_of_interest     ? 
_pdbx_entry_details.has_protein_modification   N 
# 
loop_
_pdbx_validate_symm_contact.id 
_pdbx_validate_symm_contact.PDB_model_num 
_pdbx_validate_symm_contact.auth_atom_id_1 
_pdbx_validate_symm_contact.auth_asym_id_1 
_pdbx_validate_symm_contact.auth_comp_id_1 
_pdbx_validate_symm_contact.auth_seq_id_1 
_pdbx_validate_symm_contact.PDB_ins_code_1 
_pdbx_validate_symm_contact.label_alt_id_1 
_pdbx_validate_symm_contact.site_symmetry_1 
_pdbx_validate_symm_contact.auth_atom_id_2 
_pdbx_validate_symm_contact.auth_asym_id_2 
_pdbx_validate_symm_contact.auth_comp_id_2 
_pdbx_validate_symm_contact.auth_seq_id_2 
_pdbx_validate_symm_contact.PDB_ins_code_2 
_pdbx_validate_symm_contact.label_alt_id_2 
_pdbx_validate_symm_contact.site_symmetry_2 
_pdbx_validate_symm_contact.dist 
1 1 OD1 A ASN 25 ? ? 1_555 O   A HIS 76 ? ? 39_555 1.31 
2 1 NE2 A GLN 32 ? ? 1_555 CE1 A HIS 74 ? ? 39_555 1.51 
3 1 ND2 A ASN 3  ? ? 1_555 NE2 A HIS 76 ? ? 43_544 1.73 
4 1 ND2 A ASN 3  ? ? 1_555 CE1 A HIS 76 ? ? 43_544 1.74 
5 1 NE2 A GLN 32 ? ? 1_555 NE2 A HIS 74 ? ? 39_555 2.04 
# 
loop_
_space_group_symop.id 
_space_group_symop.operation_xyz 
1  x,y,z                
2  x+1/4,-z+1/4,y+1/4   
3  x+1/4,z+1/4,-y+1/4   
4  z+1/4,y+1/4,-x+1/4   
5  -z+1/4,y+1/4,x+1/4   
6  -y+1/4,x+1/4,z+1/4   
7  y+1/4,-x+1/4,z+1/4   
8  z,x,y                
9  y,z,x                
10 -y,-z,x              
11 z,-x,-y              
12 -y,z,-x              
13 -z,-x,y              
14 -z,x,-y              
15 y,-z,-x              
16 x,-y,-z              
17 -x,y,-z              
18 -x,-y,z              
19 y+1/4,x+1/4,-z+1/4   
20 -y+1/4,-x+1/4,-z+1/4 
21 z+1/4,-y+1/4,x+1/4   
22 -z+1/4,-y+1/4,-x+1/4 
23 -x+1/4,z+1/4,y+1/4   
24 -x+1/4,-z+1/4,-y+1/4 
25 x,y+1/2,z+1/2        
26 x+1/4,-z+3/4,y+3/4   
27 x+1/4,z+3/4,-y+3/4   
28 z+1/4,y+3/4,-x+3/4   
29 -z+1/4,y+3/4,x+3/4   
30 -y+1/4,x+3/4,z+3/4   
31 y+1/4,-x+3/4,z+3/4   
32 z,x+1/2,y+1/2        
33 y,z+1/2,x+1/2        
34 -y,-z+1/2,x+1/2      
35 z,-x+1/2,-y+1/2      
36 -y,z+1/2,-x+1/2      
37 -z,-x+1/2,y+1/2      
38 -z,x+1/2,-y+1/2      
39 y,-z+1/2,-x+1/2      
40 x,-y+1/2,-z+1/2      
41 -x,y+1/2,-z+1/2      
42 -x,-y+1/2,z+1/2      
43 y+1/4,x+3/4,-z+3/4   
44 -y+1/4,-x+3/4,-z+3/4 
45 z+1/4,-y+3/4,x+3/4   
46 -z+1/4,-y+3/4,-x+3/4 
47 -x+1/4,z+3/4,y+3/4   
48 -x+1/4,-z+3/4,-y+3/4 
49 x+1/2,y,z+1/2        
50 x+3/4,-z+1/4,y+3/4   
51 x+3/4,z+1/4,-y+3/4   
52 z+3/4,y+1/4,-x+3/4   
53 -z+3/4,y+1/4,x+3/4   
54 -y+3/4,x+1/4,z+3/4   
55 y+3/4,-x+1/4,z+3/4   
56 z+1/2,x,y+1/2        
57 y+1/2,z,x+1/2        
58 -y+1/2,-z,x+1/2      
59 z+1/2,-x,-y+1/2      
60 -y+1/2,z,-x+1/2      
61 -z+1/2,-x,y+1/2      
62 -z+1/2,x,-y+1/2      
63 y+1/2,-z,-x+1/2      
64 x+1/2,-y,-z+1/2      
65 -x+1/2,y,-z+1/2      
66 -x+1/2,-y,z+1/2      
67 y+3/4,x+1/4,-z+3/4   
68 -y+3/4,-x+1/4,-z+3/4 
69 z+3/4,-y+1/4,x+3/4   
70 -z+3/4,-y+1/4,-x+3/4 
71 -x+3/4,z+1/4,y+3/4   
72 -x+3/4,-z+1/4,-y+3/4 
73 x+1/2,y+1/2,z        
74 x+3/4,-z+3/4,y+1/4   
75 x+3/4,z+3/4,-y+1/4   
76 z+3/4,y+3/4,-x+1/4   
77 -z+3/4,y+3/4,x+1/4   
78 -y+3/4,x+3/4,z+1/4   
79 y+3/4,-x+3/4,z+1/4   
80 z+1/2,x+1/2,y        
81 y+1/2,z+1/2,x        
82 -y+1/2,-z+1/2,x      
83 z+1/2,-x+1/2,-y      
84 -y+1/2,z+1/2,-x      
85 -z+1/2,-x+1/2,y      
86 -z+1/2,x+1/2,-y      
87 y+1/2,-z+1/2,-x      
88 x+1/2,-y+1/2,-z      
89 -x+1/2,y+1/2,-z      
90 -x+1/2,-y+1/2,z      
91 y+3/4,x+3/4,-z+1/4   
92 -y+3/4,-x+3/4,-z+1/4 
93 z+3/4,-y+3/4,x+1/4   
94 -z+3/4,-y+3/4,-x+1/4 
95 -x+3/4,z+3/4,y+1/4   
96 -x+3/4,-z+3/4,-y+1/4 
# 
loop_
_pdbx_unobs_or_zero_occ_residues.id 
_pdbx_unobs_or_zero_occ_residues.PDB_model_num 
_pdbx_unobs_or_zero_occ_residues.polymer_flag 
_pdbx_unobs_or_zero_occ_residues.occupancy_flag 
_pdbx_unobs_or_zero_occ_residues.auth_asym_id 
_pdbx_unobs_or_zero_occ_residues.auth_comp_id 
_pdbx_unobs_or_zero_occ_residues.auth_seq_id 
_pdbx_unobs_or_zero_occ_residues.PDB_ins_code 
_pdbx_unobs_or_zero_occ_residues.label_asym_id 
_pdbx_unobs_or_zero_occ_residues.label_comp_id 
_pdbx_unobs_or_zero_occ_residues.label_seq_id 
1 1 Y 1 A HIS 78 ? A HIS 78 
2 1 Y 1 A HIS 79 ? A HIS 79 
# 
loop_
_chem_comp_atom.comp_id 
_chem_comp_atom.atom_id 
_chem_comp_atom.type_symbol 
_chem_comp_atom.pdbx_aromatic_flag 
_chem_comp_atom.pdbx_stereo_config 
_chem_comp_atom.pdbx_ordinal 
ALA N    N N N 1   
ALA CA   C N S 2   
ALA C    C N N 3   
ALA O    O N N 4   
ALA CB   C N N 5   
ALA OXT  O N N 6   
ALA H    H N N 7   
ALA H2   H N N 8   
ALA HA   H N N 9   
ALA HB1  H N N 10  
ALA HB2  H N N 11  
ALA HB3  H N N 12  
ALA HXT  H N N 13  
ARG N    N N N 14  
ARG CA   C N S 15  
ARG C    C N N 16  
ARG O    O N N 17  
ARG CB   C N N 18  
ARG CG   C N N 19  
ARG CD   C N N 20  
ARG NE   N N N 21  
ARG CZ   C N N 22  
ARG NH1  N N N 23  
ARG NH2  N N N 24  
ARG OXT  O N N 25  
ARG H    H N N 26  
ARG H2   H N N 27  
ARG HA   H N N 28  
ARG HB2  H N N 29  
ARG HB3  H N N 30  
ARG HG2  H N N 31  
ARG HG3  H N N 32  
ARG HD2  H N N 33  
ARG HD3  H N N 34  
ARG HE   H N N 35  
ARG HH11 H N N 36  
ARG HH12 H N N 37  
ARG HH21 H N N 38  
ARG HH22 H N N 39  
ARG HXT  H N N 40  
ASN N    N N N 41  
ASN CA   C N S 42  
ASN C    C N N 43  
ASN O    O N N 44  
ASN CB   C N N 45  
ASN CG   C N N 46  
ASN OD1  O N N 47  
ASN ND2  N N N 48  
ASN OXT  O N N 49  
ASN H    H N N 50  
ASN H2   H N N 51  
ASN HA   H N N 52  
ASN HB2  H N N 53  
ASN HB3  H N N 54  
ASN HD21 H N N 55  
ASN HD22 H N N 56  
ASN HXT  H N N 57  
ASP N    N N N 58  
ASP CA   C N S 59  
ASP C    C N N 60  
ASP O    O N N 61  
ASP CB   C N N 62  
ASP CG   C N N 63  
ASP OD1  O N N 64  
ASP OD2  O N N 65  
ASP OXT  O N N 66  
ASP H    H N N 67  
ASP H2   H N N 68  
ASP HA   H N N 69  
ASP HB2  H N N 70  
ASP HB3  H N N 71  
ASP HD2  H N N 72  
ASP HXT  H N N 73  
GLN N    N N N 74  
GLN CA   C N S 75  
GLN C    C N N 76  
GLN O    O N N 77  
GLN CB   C N N 78  
GLN CG   C N N 79  
GLN CD   C N N 80  
GLN OE1  O N N 81  
GLN NE2  N N N 82  
GLN OXT  O N N 83  
GLN H    H N N 84  
GLN H2   H N N 85  
GLN HA   H N N 86  
GLN HB2  H N N 87  
GLN HB3  H N N 88  
GLN HG2  H N N 89  
GLN HG3  H N N 90  
GLN HE21 H N N 91  
GLN HE22 H N N 92  
GLN HXT  H N N 93  
GLU N    N N N 94  
GLU CA   C N S 95  
GLU C    C N N 96  
GLU O    O N N 97  
GLU CB   C N N 98  
GLU CG   C N N 99  
GLU CD   C N N 100 
GLU OE1  O N N 101 
GLU OE2  O N N 102 
GLU OXT  O N N 103 
GLU H    H N N 104 
GLU H2   H N N 105 
GLU HA   H N N 106 
GLU HB2  H N N 107 
GLU HB3  H N N 108 
GLU HG2  H N N 109 
GLU HG3  H N N 110 
GLU HE2  H N N 111 
GLU HXT  H N N 112 
GLY N    N N N 113 
GLY CA   C N N 114 
GLY C    C N N 115 
GLY O    O N N 116 
GLY OXT  O N N 117 
GLY H    H N N 118 
GLY H2   H N N 119 
GLY HA2  H N N 120 
GLY HA3  H N N 121 
GLY HXT  H N N 122 
HIS N    N N N 123 
HIS CA   C N S 124 
HIS C    C N N 125 
HIS O    O N N 126 
HIS CB   C N N 127 
HIS CG   C Y N 128 
HIS ND1  N Y N 129 
HIS CD2  C Y N 130 
HIS CE1  C Y N 131 
HIS NE2  N Y N 132 
HIS OXT  O N N 133 
HIS H    H N N 134 
HIS H2   H N N 135 
HIS HA   H N N 136 
HIS HB2  H N N 137 
HIS HB3  H N N 138 
HIS HD1  H N N 139 
HIS HD2  H N N 140 
HIS HE1  H N N 141 
HIS HE2  H N N 142 
HIS HXT  H N N 143 
ILE N    N N N 144 
ILE CA   C N S 145 
ILE C    C N N 146 
ILE O    O N N 147 
ILE CB   C N S 148 
ILE CG1  C N N 149 
ILE CG2  C N N 150 
ILE CD1  C N N 151 
ILE OXT  O N N 152 
ILE H    H N N 153 
ILE H2   H N N 154 
ILE HA   H N N 155 
ILE HB   H N N 156 
ILE HG12 H N N 157 
ILE HG13 H N N 158 
ILE HG21 H N N 159 
ILE HG22 H N N 160 
ILE HG23 H N N 161 
ILE HD11 H N N 162 
ILE HD12 H N N 163 
ILE HD13 H N N 164 
ILE HXT  H N N 165 
LEU N    N N N 166 
LEU CA   C N S 167 
LEU C    C N N 168 
LEU O    O N N 169 
LEU CB   C N N 170 
LEU CG   C N N 171 
LEU CD1  C N N 172 
LEU CD2  C N N 173 
LEU OXT  O N N 174 
LEU H    H N N 175 
LEU H2   H N N 176 
LEU HA   H N N 177 
LEU HB2  H N N 178 
LEU HB3  H N N 179 
LEU HG   H N N 180 
LEU HD11 H N N 181 
LEU HD12 H N N 182 
LEU HD13 H N N 183 
LEU HD21 H N N 184 
LEU HD22 H N N 185 
LEU HD23 H N N 186 
LEU HXT  H N N 187 
LYS N    N N N 188 
LYS CA   C N S 189 
LYS C    C N N 190 
LYS O    O N N 191 
LYS CB   C N N 192 
LYS CG   C N N 193 
LYS CD   C N N 194 
LYS CE   C N N 195 
LYS NZ   N N N 196 
LYS OXT  O N N 197 
LYS H    H N N 198 
LYS H2   H N N 199 
LYS HA   H N N 200 
LYS HB2  H N N 201 
LYS HB3  H N N 202 
LYS HG2  H N N 203 
LYS HG3  H N N 204 
LYS HD2  H N N 205 
LYS HD3  H N N 206 
LYS HE2  H N N 207 
LYS HE3  H N N 208 
LYS HZ1  H N N 209 
LYS HZ2  H N N 210 
LYS HZ3  H N N 211 
LYS HXT  H N N 212 
MET N    N N N 213 
MET CA   C N S 214 
MET C    C N N 215 
MET O    O N N 216 
MET CB   C N N 217 
MET CG   C N N 218 
MET SD   S N N 219 
MET CE   C N N 220 
MET OXT  O N N 221 
MET H    H N N 222 
MET H2   H N N 223 
MET HA   H N N 224 
MET HB2  H N N 225 
MET HB3  H N N 226 
MET HG2  H N N 227 
MET HG3  H N N 228 
MET HE1  H N N 229 
MET HE2  H N N 230 
MET HE3  H N N 231 
MET HXT  H N N 232 
PHE N    N N N 233 
PHE CA   C N S 234 
PHE C    C N N 235 
PHE O    O N N 236 
PHE CB   C N N 237 
PHE CG   C Y N 238 
PHE CD1  C Y N 239 
PHE CD2  C Y N 240 
PHE CE1  C Y N 241 
PHE CE2  C Y N 242 
PHE CZ   C Y N 243 
PHE OXT  O N N 244 
PHE H    H N N 245 
PHE H2   H N N 246 
PHE HA   H N N 247 
PHE HB2  H N N 248 
PHE HB3  H N N 249 
PHE HD1  H N N 250 
PHE HD2  H N N 251 
PHE HE1  H N N 252 
PHE HE2  H N N 253 
PHE HZ   H N N 254 
PHE HXT  H N N 255 
PRO N    N N N 256 
PRO CA   C N S 257 
PRO C    C N N 258 
PRO O    O N N 259 
PRO CB   C N N 260 
PRO CG   C N N 261 
PRO CD   C N N 262 
PRO OXT  O N N 263 
PRO H    H N N 264 
PRO HA   H N N 265 
PRO HB2  H N N 266 
PRO HB3  H N N 267 
PRO HG2  H N N 268 
PRO HG3  H N N 269 
PRO HD2  H N N 270 
PRO HD3  H N N 271 
PRO HXT  H N N 272 
SER N    N N N 273 
SER CA   C N S 274 
SER C    C N N 275 
SER O    O N N 276 
SER CB   C N N 277 
SER OG   O N N 278 
SER OXT  O N N 279 
SER H    H N N 280 
SER H2   H N N 281 
SER HA   H N N 282 
SER HB2  H N N 283 
SER HB3  H N N 284 
SER HG   H N N 285 
SER HXT  H N N 286 
THR N    N N N 287 
THR CA   C N S 288 
THR C    C N N 289 
THR O    O N N 290 
THR CB   C N R 291 
THR OG1  O N N 292 
THR CG2  C N N 293 
THR OXT  O N N 294 
THR H    H N N 295 
THR H2   H N N 296 
THR HA   H N N 297 
THR HB   H N N 298 
THR HG1  H N N 299 
THR HG21 H N N 300 
THR HG22 H N N 301 
THR HG23 H N N 302 
THR HXT  H N N 303 
TRP N    N N N 304 
TRP CA   C N S 305 
TRP C    C N N 306 
TRP O    O N N 307 
TRP CB   C N N 308 
TRP CG   C Y N 309 
TRP CD1  C Y N 310 
TRP CD2  C Y N 311 
TRP NE1  N Y N 312 
TRP CE2  C Y N 313 
TRP CE3  C Y N 314 
TRP CZ2  C Y N 315 
TRP CZ3  C Y N 316 
TRP CH2  C Y N 317 
TRP OXT  O N N 318 
TRP H    H N N 319 
TRP H2   H N N 320 
TRP HA   H N N 321 
TRP HB2  H N N 322 
TRP HB3  H N N 323 
TRP HD1  H N N 324 
TRP HE1  H N N 325 
TRP HE3  H N N 326 
TRP HZ2  H N N 327 
TRP HZ3  H N N 328 
TRP HH2  H N N 329 
TRP HXT  H N N 330 
TYR N    N N N 331 
TYR CA   C N S 332 
TYR C    C N N 333 
TYR O    O N N 334 
TYR CB   C N N 335 
TYR CG   C Y N 336 
TYR CD1  C Y N 337 
TYR CD2  C Y N 338 
TYR CE1  C Y N 339 
TYR CE2  C Y N 340 
TYR CZ   C Y N 341 
TYR OH   O N N 342 
TYR OXT  O N N 343 
TYR H    H N N 344 
TYR H2   H N N 345 
TYR HA   H N N 346 
TYR HB2  H N N 347 
TYR HB3  H N N 348 
TYR HD1  H N N 349 
TYR HD2  H N N 350 
TYR HE1  H N N 351 
TYR HE2  H N N 352 
TYR HH   H N N 353 
TYR HXT  H N N 354 
VAL N    N N N 355 
VAL CA   C N S 356 
VAL C    C N N 357 
VAL O    O N N 358 
VAL CB   C N N 359 
VAL CG1  C N N 360 
VAL CG2  C N N 361 
VAL OXT  O N N 362 
VAL H    H N N 363 
VAL H2   H N N 364 
VAL HA   H N N 365 
VAL HB   H N N 366 
VAL HG11 H N N 367 
VAL HG12 H N N 368 
VAL HG13 H N N 369 
VAL HG21 H N N 370 
VAL HG22 H N N 371 
VAL HG23 H N N 372 
VAL HXT  H N N 373 
# 
loop_
_chem_comp_bond.comp_id 
_chem_comp_bond.atom_id_1 
_chem_comp_bond.atom_id_2 
_chem_comp_bond.value_order 
_chem_comp_bond.pdbx_aromatic_flag 
_chem_comp_bond.pdbx_stereo_config 
_chem_comp_bond.pdbx_ordinal 
ALA N   CA   sing N N 1   
ALA N   H    sing N N 2   
ALA N   H2   sing N N 3   
ALA CA  C    sing N N 4   
ALA CA  CB   sing N N 5   
ALA CA  HA   sing N N 6   
ALA C   O    doub N N 7   
ALA C   OXT  sing N N 8   
ALA CB  HB1  sing N N 9   
ALA CB  HB2  sing N N 10  
ALA CB  HB3  sing N N 11  
ALA OXT HXT  sing N N 12  
ARG N   CA   sing N N 13  
ARG N   H    sing N N 14  
ARG N   H2   sing N N 15  
ARG CA  C    sing N N 16  
ARG CA  CB   sing N N 17  
ARG CA  HA   sing N N 18  
ARG C   O    doub N N 19  
ARG C   OXT  sing N N 20  
ARG CB  CG   sing N N 21  
ARG CB  HB2  sing N N 22  
ARG CB  HB3  sing N N 23  
ARG CG  CD   sing N N 24  
ARG CG  HG2  sing N N 25  
ARG CG  HG3  sing N N 26  
ARG CD  NE   sing N N 27  
ARG CD  HD2  sing N N 28  
ARG CD  HD3  sing N N 29  
ARG NE  CZ   sing N N 30  
ARG NE  HE   sing N N 31  
ARG CZ  NH1  sing N N 32  
ARG CZ  NH2  doub N N 33  
ARG NH1 HH11 sing N N 34  
ARG NH1 HH12 sing N N 35  
ARG NH2 HH21 sing N N 36  
ARG NH2 HH22 sing N N 37  
ARG OXT HXT  sing N N 38  
ASN N   CA   sing N N 39  
ASN N   H    sing N N 40  
ASN N   H2   sing N N 41  
ASN CA  C    sing N N 42  
ASN CA  CB   sing N N 43  
ASN CA  HA   sing N N 44  
ASN C   O    doub N N 45  
ASN C   OXT  sing N N 46  
ASN CB  CG   sing N N 47  
ASN CB  HB2  sing N N 48  
ASN CB  HB3  sing N N 49  
ASN CG  OD1  doub N N 50  
ASN CG  ND2  sing N N 51  
ASN ND2 HD21 sing N N 52  
ASN ND2 HD22 sing N N 53  
ASN OXT HXT  sing N N 54  
ASP N   CA   sing N N 55  
ASP N   H    sing N N 56  
ASP N   H2   sing N N 57  
ASP CA  C    sing N N 58  
ASP CA  CB   sing N N 59  
ASP CA  HA   sing N N 60  
ASP C   O    doub N N 61  
ASP C   OXT  sing N N 62  
ASP CB  CG   sing N N 63  
ASP CB  HB2  sing N N 64  
ASP CB  HB3  sing N N 65  
ASP CG  OD1  doub N N 66  
ASP CG  OD2  sing N N 67  
ASP OD2 HD2  sing N N 68  
ASP OXT HXT  sing N N 69  
GLN N   CA   sing N N 70  
GLN N   H    sing N N 71  
GLN N   H2   sing N N 72  
GLN CA  C    sing N N 73  
GLN CA  CB   sing N N 74  
GLN CA  HA   sing N N 75  
GLN C   O    doub N N 76  
GLN C   OXT  sing N N 77  
GLN CB  CG   sing N N 78  
GLN CB  HB2  sing N N 79  
GLN CB  HB3  sing N N 80  
GLN CG  CD   sing N N 81  
GLN CG  HG2  sing N N 82  
GLN CG  HG3  sing N N 83  
GLN CD  OE1  doub N N 84  
GLN CD  NE2  sing N N 85  
GLN NE2 HE21 sing N N 86  
GLN NE2 HE22 sing N N 87  
GLN OXT HXT  sing N N 88  
GLU N   CA   sing N N 89  
GLU N   H    sing N N 90  
GLU N   H2   sing N N 91  
GLU CA  C    sing N N 92  
GLU CA  CB   sing N N 93  
GLU CA  HA   sing N N 94  
GLU C   O    doub N N 95  
GLU C   OXT  sing N N 96  
GLU CB  CG   sing N N 97  
GLU CB  HB2  sing N N 98  
GLU CB  HB3  sing N N 99  
GLU CG  CD   sing N N 100 
GLU CG  HG2  sing N N 101 
GLU CG  HG3  sing N N 102 
GLU CD  OE1  doub N N 103 
GLU CD  OE2  sing N N 104 
GLU OE2 HE2  sing N N 105 
GLU OXT HXT  sing N N 106 
GLY N   CA   sing N N 107 
GLY N   H    sing N N 108 
GLY N   H2   sing N N 109 
GLY CA  C    sing N N 110 
GLY CA  HA2  sing N N 111 
GLY CA  HA3  sing N N 112 
GLY C   O    doub N N 113 
GLY C   OXT  sing N N 114 
GLY OXT HXT  sing N N 115 
HIS N   CA   sing N N 116 
HIS N   H    sing N N 117 
HIS N   H2   sing N N 118 
HIS CA  C    sing N N 119 
HIS CA  CB   sing N N 120 
HIS CA  HA   sing N N 121 
HIS C   O    doub N N 122 
HIS C   OXT  sing N N 123 
HIS CB  CG   sing N N 124 
HIS CB  HB2  sing N N 125 
HIS CB  HB3  sing N N 126 
HIS CG  ND1  sing Y N 127 
HIS CG  CD2  doub Y N 128 
HIS ND1 CE1  doub Y N 129 
HIS ND1 HD1  sing N N 130 
HIS CD2 NE2  sing Y N 131 
HIS CD2 HD2  sing N N 132 
HIS CE1 NE2  sing Y N 133 
HIS CE1 HE1  sing N N 134 
HIS NE2 HE2  sing N N 135 
HIS OXT HXT  sing N N 136 
ILE N   CA   sing N N 137 
ILE N   H    sing N N 138 
ILE N   H2   sing N N 139 
ILE CA  C    sing N N 140 
ILE CA  CB   sing N N 141 
ILE CA  HA   sing N N 142 
ILE C   O    doub N N 143 
ILE C   OXT  sing N N 144 
ILE CB  CG1  sing N N 145 
ILE CB  CG2  sing N N 146 
ILE CB  HB   sing N N 147 
ILE CG1 CD1  sing N N 148 
ILE CG1 HG12 sing N N 149 
ILE CG1 HG13 sing N N 150 
ILE CG2 HG21 sing N N 151 
ILE CG2 HG22 sing N N 152 
ILE CG2 HG23 sing N N 153 
ILE CD1 HD11 sing N N 154 
ILE CD1 HD12 sing N N 155 
ILE CD1 HD13 sing N N 156 
ILE OXT HXT  sing N N 157 
LEU N   CA   sing N N 158 
LEU N   H    sing N N 159 
LEU N   H2   sing N N 160 
LEU CA  C    sing N N 161 
LEU CA  CB   sing N N 162 
LEU CA  HA   sing N N 163 
LEU C   O    doub N N 164 
LEU C   OXT  sing N N 165 
LEU CB  CG   sing N N 166 
LEU CB  HB2  sing N N 167 
LEU CB  HB3  sing N N 168 
LEU CG  CD1  sing N N 169 
LEU CG  CD2  sing N N 170 
LEU CG  HG   sing N N 171 
LEU CD1 HD11 sing N N 172 
LEU CD1 HD12 sing N N 173 
LEU CD1 HD13 sing N N 174 
LEU CD2 HD21 sing N N 175 
LEU CD2 HD22 sing N N 176 
LEU CD2 HD23 sing N N 177 
LEU OXT HXT  sing N N 178 
LYS N   CA   sing N N 179 
LYS N   H    sing N N 180 
LYS N   H2   sing N N 181 
LYS CA  C    sing N N 182 
LYS CA  CB   sing N N 183 
LYS CA  HA   sing N N 184 
LYS C   O    doub N N 185 
LYS C   OXT  sing N N 186 
LYS CB  CG   sing N N 187 
LYS CB  HB2  sing N N 188 
LYS CB  HB3  sing N N 189 
LYS CG  CD   sing N N 190 
LYS CG  HG2  sing N N 191 
LYS CG  HG3  sing N N 192 
LYS CD  CE   sing N N 193 
LYS CD  HD2  sing N N 194 
LYS CD  HD3  sing N N 195 
LYS CE  NZ   sing N N 196 
LYS CE  HE2  sing N N 197 
LYS CE  HE3  sing N N 198 
LYS NZ  HZ1  sing N N 199 
LYS NZ  HZ2  sing N N 200 
LYS NZ  HZ3  sing N N 201 
LYS OXT HXT  sing N N 202 
MET N   CA   sing N N 203 
MET N   H    sing N N 204 
MET N   H2   sing N N 205 
MET CA  C    sing N N 206 
MET CA  CB   sing N N 207 
MET CA  HA   sing N N 208 
MET C   O    doub N N 209 
MET C   OXT  sing N N 210 
MET CB  CG   sing N N 211 
MET CB  HB2  sing N N 212 
MET CB  HB3  sing N N 213 
MET CG  SD   sing N N 214 
MET CG  HG2  sing N N 215 
MET CG  HG3  sing N N 216 
MET SD  CE   sing N N 217 
MET CE  HE1  sing N N 218 
MET CE  HE2  sing N N 219 
MET CE  HE3  sing N N 220 
MET OXT HXT  sing N N 221 
PHE N   CA   sing N N 222 
PHE N   H    sing N N 223 
PHE N   H2   sing N N 224 
PHE CA  C    sing N N 225 
PHE CA  CB   sing N N 226 
PHE CA  HA   sing N N 227 
PHE C   O    doub N N 228 
PHE C   OXT  sing N N 229 
PHE CB  CG   sing N N 230 
PHE CB  HB2  sing N N 231 
PHE CB  HB3  sing N N 232 
PHE CG  CD1  doub Y N 233 
PHE CG  CD2  sing Y N 234 
PHE CD1 CE1  sing Y N 235 
PHE CD1 HD1  sing N N 236 
PHE CD2 CE2  doub Y N 237 
PHE CD2 HD2  sing N N 238 
PHE CE1 CZ   doub Y N 239 
PHE CE1 HE1  sing N N 240 
PHE CE2 CZ   sing Y N 241 
PHE CE2 HE2  sing N N 242 
PHE CZ  HZ   sing N N 243 
PHE OXT HXT  sing N N 244 
PRO N   CA   sing N N 245 
PRO N   CD   sing N N 246 
PRO N   H    sing N N 247 
PRO CA  C    sing N N 248 
PRO CA  CB   sing N N 249 
PRO CA  HA   sing N N 250 
PRO C   O    doub N N 251 
PRO C   OXT  sing N N 252 
PRO CB  CG   sing N N 253 
PRO CB  HB2  sing N N 254 
PRO CB  HB3  sing N N 255 
PRO CG  CD   sing N N 256 
PRO CG  HG2  sing N N 257 
PRO CG  HG3  sing N N 258 
PRO CD  HD2  sing N N 259 
PRO CD  HD3  sing N N 260 
PRO OXT HXT  sing N N 261 
SER N   CA   sing N N 262 
SER N   H    sing N N 263 
SER N   H2   sing N N 264 
SER CA  C    sing N N 265 
SER CA  CB   sing N N 266 
SER CA  HA   sing N N 267 
SER C   O    doub N N 268 
SER C   OXT  sing N N 269 
SER CB  OG   sing N N 270 
SER CB  HB2  sing N N 271 
SER CB  HB3  sing N N 272 
SER OG  HG   sing N N 273 
SER OXT HXT  sing N N 274 
THR N   CA   sing N N 275 
THR N   H    sing N N 276 
THR N   H2   sing N N 277 
THR CA  C    sing N N 278 
THR CA  CB   sing N N 279 
THR CA  HA   sing N N 280 
THR C   O    doub N N 281 
THR C   OXT  sing N N 282 
THR CB  OG1  sing N N 283 
THR CB  CG2  sing N N 284 
THR CB  HB   sing N N 285 
THR OG1 HG1  sing N N 286 
THR CG2 HG21 sing N N 287 
THR CG2 HG22 sing N N 288 
THR CG2 HG23 sing N N 289 
THR OXT HXT  sing N N 290 
TRP N   CA   sing N N 291 
TRP N   H    sing N N 292 
TRP N   H2   sing N N 293 
TRP CA  C    sing N N 294 
TRP CA  CB   sing N N 295 
TRP CA  HA   sing N N 296 
TRP C   O    doub N N 297 
TRP C   OXT  sing N N 298 
TRP CB  CG   sing N N 299 
TRP CB  HB2  sing N N 300 
TRP CB  HB3  sing N N 301 
TRP CG  CD1  doub Y N 302 
TRP CG  CD2  sing Y N 303 
TRP CD1 NE1  sing Y N 304 
TRP CD1 HD1  sing N N 305 
TRP CD2 CE2  doub Y N 306 
TRP CD2 CE3  sing Y N 307 
TRP NE1 CE2  sing Y N 308 
TRP NE1 HE1  sing N N 309 
TRP CE2 CZ2  sing Y N 310 
TRP CE3 CZ3  doub Y N 311 
TRP CE3 HE3  sing N N 312 
TRP CZ2 CH2  doub Y N 313 
TRP CZ2 HZ2  sing N N 314 
TRP CZ3 CH2  sing Y N 315 
TRP CZ3 HZ3  sing N N 316 
TRP CH2 HH2  sing N N 317 
TRP OXT HXT  sing N N 318 
TYR N   CA   sing N N 319 
TYR N   H    sing N N 320 
TYR N   H2   sing N N 321 
TYR CA  C    sing N N 322 
TYR CA  CB   sing N N 323 
TYR CA  HA   sing N N 324 
TYR C   O    doub N N 325 
TYR C   OXT  sing N N 326 
TYR CB  CG   sing N N 327 
TYR CB  HB2  sing N N 328 
TYR CB  HB3  sing N N 329 
TYR CG  CD1  doub Y N 330 
TYR CG  CD2  sing Y N 331 
TYR CD1 CE1  sing Y N 332 
TYR CD1 HD1  sing N N 333 
TYR CD2 CE2  doub Y N 334 
TYR CD2 HD2  sing N N 335 
TYR CE1 CZ   doub Y N 336 
TYR CE1 HE1  sing N N 337 
TYR CE2 CZ   sing Y N 338 
TYR CE2 HE2  sing N N 339 
TYR CZ  OH   sing N N 340 
TYR OH  HH   sing N N 341 
TYR OXT HXT  sing N N 342 
VAL N   CA   sing N N 343 
VAL N   H    sing N N 344 
VAL N   H2   sing N N 345 
VAL CA  C    sing N N 346 
VAL CA  CB   sing N N 347 
VAL CA  HA   sing N N 348 
VAL C   O    doub N N 349 
VAL C   OXT  sing N N 350 
VAL CB  CG1  sing N N 351 
VAL CB  CG2  sing N N 352 
VAL CB  HB   sing N N 353 
VAL CG1 HG11 sing N N 354 
VAL CG1 HG12 sing N N 355 
VAL CG1 HG13 sing N N 356 
VAL CG2 HG21 sing N N 357 
VAL CG2 HG22 sing N N 358 
VAL CG2 HG23 sing N N 359 
VAL OXT HXT  sing N N 360 
# 
_pdbx_audit_support.funding_organization   'Other private' 
_pdbx_audit_support.country                'United States' 
_pdbx_audit_support.grant_number           ? 
_pdbx_audit_support.ordinal                1 
# 
_pdbx_initial_refinement_model.id               1 
_pdbx_initial_refinement_model.entity_id_list   ? 
_pdbx_initial_refinement_model.type             'experimental model' 
_pdbx_initial_refinement_model.source_name      PDB 
_pdbx_initial_refinement_model.accession_code   3OQT 
_pdbx_initial_refinement_model.details          ? 
# 
_space_group.name_H-M_alt     'F 41 3 2' 
_space_group.name_Hall        'F 4d 2 3' 
_space_group.IT_number        210 
_space_group.crystal_system   cubic 
_space_group.id               1 
# 
_atom_sites.entry_id                    9BWN 
_atom_sites.Cartn_transf_matrix[1][1]   ? 
_atom_sites.Cartn_transf_matrix[1][2]   ? 
_atom_sites.Cartn_transf_matrix[1][3]   ? 
_atom_sites.Cartn_transf_matrix[2][1]   ? 
_atom_sites.Cartn_transf_matrix[2][2]   ? 
_atom_sites.Cartn_transf_matrix[2][3]   ? 
_atom_sites.Cartn_transf_matrix[3][1]   ? 
_atom_sites.Cartn_transf_matrix[3][2]   ? 
_atom_sites.Cartn_transf_matrix[3][3]   ? 
_atom_sites.Cartn_transf_vector[1]      ? 
_atom_sites.Cartn_transf_vector[2]      ? 
_atom_sites.Cartn_transf_vector[3]      ? 
_atom_sites.Cartn_transform_axes        ? 
_atom_sites.fract_transf_matrix[1][1]   -0.00293171 
_atom_sites.fract_transf_matrix[1][2]   -0.00621983 
_atom_sites.fract_transf_matrix[1][3]   -0.00208400 
_atom_sites.fract_transf_matrix[2][1]   0.00144074 
_atom_sites.fract_transf_matrix[2][2]   0.00161637 
_atom_sites.fract_transf_matrix[2][3]   -0.00685097 
_atom_sites.fract_transf_matrix[3][1]   0.00639950 
_atom_sites.fract_transf_matrix[3][2]   -0.00321330 
_atom_sites.fract_transf_matrix[3][3]   0.00058767 
_atom_sites.fract_transf_vector[1]      0.238469 
_atom_sites.fract_transf_vector[2]      0.124301 
_atom_sites.fract_transf_vector[3]      -0.155994 
_atom_sites.solution_primary            ? 
_atom_sites.solution_secondary          ? 
_atom_sites.solution_hydrogens          ? 
_atom_sites.special_details             ? 
# 
loop_
_atom_type.symbol 
_atom_type.scat_dispersion_real 
_atom_type.scat_dispersion_imag 
_atom_type.scat_Cromer_Mann_a1 
_atom_type.scat_Cromer_Mann_a2 
_atom_type.scat_Cromer_Mann_a3 
_atom_type.scat_Cromer_Mann_a4 
_atom_type.scat_Cromer_Mann_b1 
_atom_type.scat_Cromer_Mann_b2 
_atom_type.scat_Cromer_Mann_b3 
_atom_type.scat_Cromer_Mann_b4 
_atom_type.scat_Cromer_Mann_c 
_atom_type.scat_source 
_atom_type.scat_dispersion_source 
C ? ? 3.54356 2.42580 ? ? 25.62398 1.50364  ? ? 0.0 
;2-Gaussian fit: Grosse-Kunstleve RW, Sauter NK, Adams PD: Newsletter of the IUCr Commission on Crystallographic Computing 2004, 3, 22-31.
;
? 
N ? ? 6.96715 ?       ? ? 11.43723 ?        ? ? 0.0 
;1-Gaussian fit: Grosse-Kunstleve RW, Sauter NK, Adams PD: Newsletter of the IUCr Commission on Crystallographic Computing 2004, 3, 22-31.
;
? 
O ? ? 7.96527 ?       ? ? 9.05267  ?        ? ? 0.0 
;1-Gaussian fit: Grosse-Kunstleve RW, Sauter NK, Adams PD: Newsletter of the IUCr Commission on Crystallographic Computing 2004, 3, 22-31.
;
? 
P ? ? 9.51135 5.44231 ? ? 1.42069  35.72801 ? ? 0.0 
;2-Gaussian fit: Grosse-Kunstleve RW, Sauter NK, Adams PD: Newsletter of the IUCr Commission on Crystallographic Computing 2004, 3, 22-31.
;
? 
S ? ? 9.55732 6.39887 ? ? 1.23737  29.19336 ? ? 0.0 
;2-Gaussian fit: Grosse-Kunstleve RW, Sauter NK, Adams PD: Newsletter of the IUCr Commission on Crystallographic Computing 2004, 3, 22-31.
;
? 
# 
loop_
_atom_site.group_PDB 
_atom_site.id 
_atom_site.type_symbol 
_atom_site.label_atom_id 
_atom_site.label_alt_id 
_atom_site.label_comp_id 
_atom_site.label_asym_id 
_atom_site.label_entity_id 
_atom_site.label_seq_id 
_atom_site.pdbx_PDB_ins_code 
_atom_site.Cartn_x 
_atom_site.Cartn_y 
_atom_site.Cartn_z 
_atom_site.occupancy 
_atom_site.B_iso_or_equiv 
_atom_site.pdbx_formal_charge 
_atom_site.auth_seq_id 
_atom_site.auth_comp_id 
_atom_site.auth_asym_id 
_atom_site.auth_atom_id 
_atom_site.pdbx_PDB_model_num 
ATOM 1   N N   . MET A 1 1  ? -12.43283 12.31508  14.08744  1.000 106.23925 ? 1  MET A N   1 
ATOM 2   C CA  . MET A 1 1  ? -12.86126 12.18487  12.71021  1.000 103.77978 ? 1  MET A CA  1 
ATOM 3   C C   . MET A 1 1  ? -13.31530 13.53550  12.18982  1.000 107.63199 ? 1  MET A C   1 
ATOM 4   O O   . MET A 1 1  ? -13.93242 13.63115  11.13138  1.000 101.91824 ? 1  MET A O   1 
ATOM 5   C CB  . MET A 1 1  ? -13.98414 11.15302  12.60817  1.000 103.49000 ? 1  MET A CB  1 
ATOM 6   C CG  . MET A 1 1  ? -13.65679 9.82367   13.26740  1.000 107.72388 ? 1  MET A CG  1 
ATOM 7   S SD  . MET A 1 1  ? -14.78788 8.50187   12.79424  1.000 116.35285 ? 1  MET A SD  1 
ATOM 8   C CE  . MET A 1 1  ? -13.71862 7.47976   11.78583  1.000 61.94953  ? 1  MET A CE  1 
ATOM 9   N N   . SER A 1 2  ? -12.99818 14.59285  12.92862  1.000 107.27470 ? 2  SER A N   1 
ATOM 10  C CA  . SER A 1 2  ? -13.39084 15.93973  12.52617  1.000 104.85314 ? 2  SER A CA  1 
ATOM 11  C C   . SER A 1 2  ? -12.36881 16.54958  11.60236  1.000 95.28225  ? 2  SER A C   1 
ATOM 12  O O   . SER A 1 2  ? -12.71292 17.13454  10.58883  1.000 85.34877  ? 2  SER A O   1 
ATOM 13  C CB  . SER A 1 2  ? -13.53541 16.82936  13.75652  1.000 106.84963 ? 2  SER A CB  1 
ATOM 14  O OG  . SER A 1 2  ? -12.42968 16.67325  14.62867  1.000 105.78491 ? 2  SER A OG  1 
ATOM 15  N N   . ASN A 1 3  ? -11.10434 16.42617  11.96396  1.000 100.64509 ? 3  ASN A N   1 
ATOM 16  C CA  . ASN A 1 3  ? -10.03380 16.98376  11.15548  1.000 94.65375  ? 3  ASN A CA  1 
ATOM 17  C C   . ASN A 1 3  ? -8.95841  15.95828  10.89322  1.000 90.14439  ? 3  ASN A C   1 
ATOM 18  O O   . ASN A 1 3  ? -7.81921  16.31410  10.61790  1.000 92.25523  ? 3  ASN A O   1 
ATOM 19  C CB  . ASN A 1 3  ? -9.42488  18.21978  11.83314  1.000 98.08675  ? 3  ASN A CB  1 
ATOM 20  C CG  . ASN A 1 3  ? -9.18704  18.02636  13.32047  1.000 105.03214 ? 3  ASN A CG  1 
ATOM 21  O OD1 . ASN A 1 3  ? -9.80630  17.18112  13.96302  1.000 108.55607 ? 3  ASN A OD1 1 
ATOM 22  N ND2 . ASN A 1 3  ? -8.28540  18.82573  13.87592  1.000 104.59646 ? 3  ASN A ND2 1 
ATOM 23  N N   . HIS A 1 4  ? -9.30412  14.68554  10.97540  1.000 80.62641  ? 4  HIS A N   1 
ATOM 24  C CA  . HIS A 1 4  ? -8.34199  13.65631  10.64230  1.000 75.19842  ? 4  HIS A CA  1 
ATOM 25  C C   . HIS A 1 4  ? -7.87767  13.82800  9.21466   1.000 70.67213  ? 4  HIS A C   1 
ATOM 26  O O   . HIS A 1 4  ? -8.69288  13.85875  8.30796   1.000 66.82851  ? 4  HIS A O   1 
ATOM 27  C CB  . HIS A 1 4  ? -8.96214  12.28736  10.81501  1.000 87.23001  ? 4  HIS A CB  1 
ATOM 28  C CG  . HIS A 1 4  ? -9.30584  11.94880  12.22970  1.000 103.41284 ? 4  HIS A CG  1 
ATOM 29  N ND1 . HIS A 1 4  ? -9.63047  10.67088  12.62866  1.000 104.02682 ? 4  HIS A ND1 1 
ATOM 30  C CD2 . HIS A 1 4  ? -9.37386  12.71866  13.34091  1.000 109.20658 ? 4  HIS A CD2 1 
ATOM 31  C CE1 . HIS A 1 4  ? -9.88477  10.66743  13.92412  1.000 109.95923 ? 4  HIS A CE1 1 
ATOM 32  N NE2 . HIS A 1 4  ? -9.73490  11.89692  14.38100  1.000 116.48324 ? 4  HIS A NE2 1 
ATOM 33  N N   . THR A 1 5  ? -6.57540  13.93519  9.00726   1.000 67.60910  ? 5  THR A N   1 
ATOM 34  C CA  . THR A 1 5  ? -6.02330  14.14306  7.68947   1.000 58.85888  ? 5  THR A CA  1 
ATOM 35  C C   . THR A 1 5  ? -5.09682  12.99873  7.40876   1.000 58.20336  ? 5  THR A C   1 
ATOM 36  O O   . THR A 1 5  ? -4.39080  12.54973  8.29346   1.000 69.52295  ? 5  THR A O   1 
ATOM 37  C CB  . THR A 1 5  ? -5.25854  15.45868  7.63108   1.000 57.34661  ? 5  THR A CB  1 
ATOM 38  O OG1 . THR A 1 5  ? -6.18315  16.54257  7.76892   1.000 63.40086  ? 5  THR A OG1 1 
ATOM 39  C CG2 . THR A 1 5  ? -4.52676  15.59076  6.31431   1.000 50.78429  ? 5  THR A CG2 1 
ATOM 40  N N   . TYR A 1 6  ? -5.09387  12.49814  6.19218   1.000 51.54461  ? 6  TYR A N   1 
ATOM 41  C CA  . TYR A 1 6  ? -4.29598  11.33599  5.89387   1.000 51.31153  ? 6  TYR A CA  1 
ATOM 42  C C   . TYR A 1 6  ? -3.27927  11.64270  4.83763   1.000 47.87785  ? 6  TYR A C   1 
ATOM 43  O O   . TYR A 1 6  ? -3.32973  12.68064  4.20353   1.000 40.79008  ? 6  TYR A O   1 
ATOM 44  C CB  . TYR A 1 6  ? -5.18349  10.19191  5.40269   1.000 46.13644  ? 6  TYR A CB  1 
ATOM 45  C CG  . TYR A 1 6  ? -6.29801  9.77497   6.32215   1.000 52.06799  ? 6  TYR A CG  1 
ATOM 46  C CD1 . TYR A 1 6  ? -7.33313  10.64247  6.62691   1.000 60.58981  ? 6  TYR A CD1 1 
ATOM 47  C CD2 . TYR A 1 6  ? -6.33187  8.50251   6.86116   1.000 52.89503  ? 6  TYR A CD2 1 
ATOM 48  C CE1 . TYR A 1 6  ? -8.35999  10.25960  7.46273   1.000 60.67733  ? 6  TYR A CE1 1 
ATOM 49  C CE2 . TYR A 1 6  ? -7.35623  8.11090   7.69544   1.000 62.07691  ? 6  TYR A CE2 1 
ATOM 50  C CZ  . TYR A 1 6  ? -8.36540  8.99520   7.99285   1.000 59.96171  ? 6  TYR A CZ  1 
ATOM 51  O OH  . TYR A 1 6  ? -9.38935  8.61455   8.82141   1.000 62.05546  ? 6  TYR A OH  1 
ATOM 52  N N   . ARG A 1 7  ? -2.34210  10.73392  4.65250   1.000 45.28938  ? 7  ARG A N   1 
ATOM 53  C CA  . ARG A 1 7  ? -1.34785  10.90633  3.63222   1.000 37.46225  ? 7  ARG A CA  1 
ATOM 54  C C   . ARG A 1 7  ? -1.33419  9.66076   2.81055   1.000 42.52909  ? 7  ARG A C   1 
ATOM 55  O O   . ARG A 1 7  ? -1.49547  8.57274   3.33692   1.000 41.89150  ? 7  ARG A O   1 
ATOM 56  C CB  . ARG A 1 7  ? 0.01422   11.12125  4.24309   1.000 36.49065  ? 7  ARG A CB  1 
ATOM 57  C CG  . ARG A 1 7  ? 1.16945   10.91104  3.29015   1.000 37.17624  ? 7  ARG A CG  1 
ATOM 58  C CD  . ARG A 1 7  ? 1.69370   12.24189  2.80407   1.000 38.43652  ? 7  ARG A CD  1 
ATOM 59  N NE  . ARG A 1 7  ? 2.94192   12.09445  2.07427   1.000 36.18407  ? 7  ARG A NE  1 
ATOM 60  C CZ  . ARG A 1 7  ? 4.13745   12.12178  2.64151   1.000 34.41869  ? 7  ARG A CZ  1 
ATOM 61  N NH1 . ARG A 1 7  ? 4.24402   12.29119  3.94772   1.000 50.29207  ? 7  ARG A NH1 1 
ATOM 62  N NH2 . ARG A 1 7  ? 5.22503   11.98188  1.90488   1.000 37.88346  ? 7  ARG A NH2 1 
ATOM 63  N N   . VAL A 1 8  ? -1.15869  9.81725   1.51051   1.000 38.10622  ? 8  VAL A N   1 
ATOM 64  C CA  . VAL A 1 8  ? -1.10415  8.67411   0.63246   1.000 32.61297  ? 8  VAL A CA  1 
ATOM 65  C C   . VAL A 1 8  ? 0.24439   8.58303   -0.01366  1.000 31.43303  ? 8  VAL A C   1 
ATOM 66  O O   . VAL A 1 8  ? 0.73518   9.54389   -0.56889  1.000 34.82072  ? 8  VAL A O   1 
ATOM 67  C CB  . VAL A 1 8  ? -2.19893  8.72592   -0.44028  1.000 39.56407  ? 8  VAL A CB  1 
ATOM 68  C CG1 . VAL A 1 8  ? -2.33390  7.38279   -1.13059  1.000 38.17981  ? 8  VAL A CG1 1 
ATOM 69  C CG2 . VAL A 1 8  ? -3.52176  9.13426   0.18122   1.000 33.67473  ? 8  VAL A CG2 1 
ATOM 70  N N   . ILE A 1 9  ? 0.86223   7.42278   0.09423   1.000 31.28715  ? 9  ILE A N   1 
ATOM 71  C CA  . ILE A 1 9  ? 2.13883   7.20479   -0.52354  1.000 30.76192  ? 9  ILE A CA  1 
ATOM 72  C C   . ILE A 1 9  ? 1.92433   6.14110   -1.54640  1.000 37.38795  ? 9  ILE A C   1 
ATOM 73  O O   . ILE A 1 9  ? 0.93934   5.43939   -1.50379  1.000 46.13609  ? 9  ILE A O   1 
ATOM 74  C CB  . ILE A 1 9  ? 3.17544   6.71865   0.48273   1.000 33.91186  ? 9  ILE A CB  1 
ATOM 75  C CG1 . ILE A 1 9  ? 2.80967   5.32973   0.99159   1.000 37.64168  ? 9  ILE A CG1 1 
ATOM 76  C CG2 . ILE A 1 9  ? 3.27627   7.68691   1.64690   1.000 37.40710  ? 9  ILE A CG2 1 
ATOM 77  C CD1 . ILE A 1 9  ? 3.88225   4.70229   1.84834   1.000 43.89233  ? 9  ILE A CD1 1 
ATOM 78  N N   . GLU A 1 10 ? 2.82295   6.03159   -2.50438  1.000 33.39058  ? 10 GLU A N   1 
ATOM 79  C CA  . GLU A 1 10 ? 2.71488   5.02542   -3.52799  1.000 27.58686  ? 10 GLU A CA  1 
ATOM 80  C C   . GLU A 1 10 ? 3.90211   4.12861   -3.47313  1.000 35.14647  ? 10 GLU A C   1 
ATOM 81  O O   . GLU A 1 10 ? 5.02130   4.59045   -3.46440  1.000 37.27848  ? 10 GLU A O   1 
ATOM 82  C CB  . GLU A 1 10 ? 2.65113   5.68336   -4.88484  1.000 31.94655  ? 10 GLU A CB  1 
ATOM 83  C CG  . GLU A 1 10 ? 2.21133   4.78957   -6.02196  1.000 49.92399  ? 10 GLU A CG  1 
ATOM 84  C CD  . GLU A 1 10 ? 2.07079   5.55907   -7.31411  1.000 50.20274  ? 10 GLU A CD  1 
ATOM 85  O OE1 . GLU A 1 10 ? 2.04125   6.80067   -7.25811  1.000 40.18437  ? 10 GLU A OE1 1 
ATOM 86  O OE2 . GLU A 1 10 ? 1.99374   4.92857   -8.38204  1.000 59.03487  ? 10 GLU A OE2 1 
ATOM 87  N N   . ILE A 1 11 ? 3.65900   2.83413   -3.42904  1.000 36.92892  ? 11 ILE A N   1 
ATOM 88  C CA  . ILE A 1 11 ? 4.71390   1.86674   -3.37041  1.000 36.56610  ? 11 ILE A CA  1 
ATOM 89  C C   . ILE A 1 11 ? 4.46392   0.79848   -4.39866  1.000 32.97218  ? 11 ILE A C   1 
ATOM 90  O O   . ILE A 1 11 ? 3.33735   0.58612   -4.79685  1.000 31.87737  ? 11 ILE A O   1 
ATOM 91  C CB  . ILE A 1 11 ? 4.77079   1.21550   -1.97567  1.000 31.25734  ? 11 ILE A CB  1 
ATOM 92  C CG1 . ILE A 1 11 ? 3.42652   0.58761   -1.62728  1.000 39.98498  ? 11 ILE A CG1 1 
ATOM 93  C CG2 . ILE A 1 11 ? 5.15389   2.23442   -0.91848  1.000 31.60883  ? 11 ILE A CG2 1 
ATOM 94  C CD1 . ILE A 1 11 ? 3.53843   -0.59046  -0.69240  1.000 48.49682  ? 11 ILE A CD1 1 
ATOM 95  N N   . VAL A 1 12 ? 5.51647   0.15348   -4.87485  1.000 34.74618  ? 12 VAL A N   1 
ATOM 96  C CA  . VAL A 1 12 ? 5.36454   -0.95767  -5.79926  1.000 32.35526  ? 12 VAL A CA  1 
ATOM 97  C C   . VAL A 1 12 ? 5.83613   -2.23774  -5.14526  1.000 35.19752  ? 12 VAL A C   1 
ATOM 98  O O   . VAL A 1 12 ? 6.98313   -2.35018  -4.76488  1.000 42.22120  ? 12 VAL A O   1 
ATOM 99  C CB  . VAL A 1 12 ? 6.15087   -0.74569  -7.08989  1.000 26.57889  ? 12 VAL A CB  1 
ATOM 100 C CG1 . VAL A 1 12 ? 5.84077   -1.84501  -8.08568  1.000 31.22185  ? 12 VAL A CG1 1 
ATOM 101 C CG2 . VAL A 1 12 ? 5.85308   0.62100   -7.67117  1.000 33.27393  ? 12 VAL A CG2 1 
ATOM 102 N N   . GLY A 1 13 ? 4.94555   -3.20029  -5.00171  1.000 28.90803  ? 13 GLY A N   1 
ATOM 103 C CA  . GLY A 1 13 ? 5.28987   -4.44978  -4.38404  1.000 33.06846  ? 13 GLY A CA  1 
ATOM 104 C C   . GLY A 1 13 ? 5.56093   -5.46136  -5.44561  1.000 37.15061  ? 13 GLY A C   1 
ATOM 105 O O   . GLY A 1 13 ? 4.95274   -5.42200  -6.49342  1.000 44.15492  ? 13 GLY A O   1 
ATOM 106 N N   . THR A 1 14 ? 6.48945   -6.37574  -5.18815  1.000 41.76159  ? 14 THR A N   1 
ATOM 107 C CA  . THR A 1 14 ? 6.86275   -7.35222  -6.20526  1.000 41.03090  ? 14 THR A CA  1 
ATOM 108 C C   . THR A 1 14 ? 6.95667   -8.76693  -5.65931  1.000 40.36448  ? 14 THR A C   1 
ATOM 109 O O   . THR A 1 14 ? 7.52979   -8.98896  -4.59275  1.000 46.43556  ? 14 THR A O   1 
ATOM 110 C CB  . THR A 1 14 ? 8.21086   -6.99188  -6.86033  1.000 41.51387  ? 14 THR A CB  1 
ATOM 111 O OG1 . THR A 1 14 ? 9.19288   -6.76409  -5.84287  1.000 53.86968  ? 14 THR A OG1 1 
ATOM 112 C CG2 . THR A 1 14 ? 8.07138   -5.74224  -7.71490  1.000 39.83062  ? 14 THR A CG2 1 
ATOM 113 N N   . SER A 1 15 ? 6.39648   -9.72499  -6.38700  1.000 46.27188  ? 15 SER A N   1 
ATOM 114 C CA  . SER A 1 15 ? 6.47053   -11.12379 -5.97781  1.000 46.26478  ? 15 SER A CA  1 
ATOM 115 C C   . SER A 1 15 ? 6.38469   -12.03889 -7.17347  1.000 49.39299  ? 15 SER A C   1 
ATOM 116 O O   . SER A 1 15 ? 5.63863   -11.78418 -8.09774  1.000 50.37103  ? 15 SER A O   1 
ATOM 117 C CB  . SER A 1 15 ? 5.36204   -11.48636 -5.02222  1.000 51.26299  ? 15 SER A CB  1 
ATOM 118 O OG  . SER A 1 15 ? 5.37480   -12.87773 -4.77309  1.000 62.16810  ? 15 SER A OG  1 
ATOM 119 N N   . PRO A 1 16 ? 7.16906   -13.12239 -7.16347  1.000 49.46225  ? 16 PRO A N   1 
ATOM 120 C CA  . PRO A 1 16 ? 7.15912   -14.03607 -8.29775  1.000 50.95764  ? 16 PRO A CA  1 
ATOM 121 C C   . PRO A 1 16 ? 6.01602   -14.99080 -8.19811  1.000 45.64924  ? 16 PRO A C   1 
ATOM 122 O O   . PRO A 1 16 ? 5.84202   -15.82016 -9.07746  1.000 46.66702  ? 16 PRO A O   1 
ATOM 123 C CB  . PRO A 1 16 ? 8.45207   -14.80848 -8.11474  1.000 57.97493  ? 16 PRO A CB  1 
ATOM 124 C CG  . PRO A 1 16 ? 9.26989   -14.03323 -7.14527  1.000 63.52136  ? 16 PRO A CG  1 
ATOM 125 C CD  . PRO A 1 16 ? 8.25472   -13.45933 -6.23019  1.000 52.51370  ? 16 PRO A CD  1 
ATOM 126 N N   . ASP A 1 17 ? 5.23473   -14.86297 -7.14611  1.000 46.34972  ? 17 ASP A N   1 
ATOM 127 C CA  . ASP A 1 17 ? 4.18111   -15.81220 -6.90260  1.000 55.18592  ? 17 ASP A CA  1 
ATOM 128 C C   . ASP A 1 17 ? 2.77227   -15.25941 -6.98770  1.000 53.49096  ? 17 ASP A C   1 
ATOM 129 O O   . ASP A 1 17 ? 1.83299   -15.92165 -6.57903  1.000 60.59850  ? 17 ASP A O   1 
ATOM 130 C CB  . ASP A 1 17 ? 4.38842   -16.39617 -5.50650  1.000 53.63698  ? 17 ASP A CB  1 
ATOM 131 C CG  . ASP A 1 17 ? 5.77936   -16.95122 -5.29985  1.000 58.13999  ? 17 ASP A CG  1 
ATOM 132 O OD1 . ASP A 1 17 ? 6.15749   -17.89810 -6.01216  1.000 58.49813  ? 17 ASP A OD1 1 
ATOM 133 O OD2 . ASP A 1 17 ? 6.49024   -16.45032 -4.40921  1.000 59.61716  ? 17 ASP A OD2 1 
ATOM 134 N N   . GLY A 1 18 ? 2.60200   -14.06248 -7.51405  1.000 48.99923  ? 18 GLY A N   1 
ATOM 135 C CA  . GLY A 1 18 ? 1.27155   -13.54869 -7.67576  1.000 40.92627  ? 18 GLY A CA  1 
ATOM 136 C C   . GLY A 1 18 ? 1.06634   -12.09863 -7.41560  1.000 44.53446  ? 18 GLY A C   1 
ATOM 137 O O   . GLY A 1 18 ? 1.98699   -11.37521 -7.09117  1.000 47.08616  ? 18 GLY A O   1 
ATOM 138 N N   . VAL A 1 19 ? -0.17145  -11.66590 -7.56228  1.000 38.01190  ? 19 VAL A N   1 
ATOM 139 C CA  . VAL A 1 19 ? -0.49419  -10.27435 -7.34483  1.000 37.22895  ? 19 VAL A CA  1 
ATOM 140 C C   . VAL A 1 19 ? -0.85845  -10.06059 -5.90169  1.000 41.76146  ? 19 VAL A C   1 
ATOM 141 O O   . VAL A 1 19 ? -0.66150  -8.98979  -5.35804  1.000 44.41792  ? 19 VAL A O   1 
ATOM 142 C CB  . VAL A 1 19 ? -1.66285  -9.82572  -8.24300  1.000 39.40637  ? 19 VAL A CB  1 
ATOM 143 C CG1 . VAL A 1 19 ? -1.92959  -8.34268  -8.07400  1.000 44.14449  ? 19 VAL A CG1 1 
ATOM 144 C CG2 . VAL A 1 19 ? -1.38096  -10.16047 -9.69530  1.000 34.63810  ? 19 VAL A CG2 1 
ATOM 145 N N   . ASP A 1 20 ? -1.37400  -11.09073 -5.25999  1.000 40.86323  ? 20 ASP A N   1 
ATOM 146 C CA  . ASP A 1 20 ? -1.79325  -10.96447 -3.89206  1.000 29.41601  ? 20 ASP A CA  1 
ATOM 147 C C   . ASP A 1 20 ? -0.57454  -11.05262 -3.04724  1.000 39.20554  ? 20 ASP A C   1 
ATOM 148 O O   . ASP A 1 20 ? -0.59727  -10.69534 -1.88540  1.000 53.28755  ? 20 ASP A O   1 
ATOM 149 C CB  . ASP A 1 20 ? -2.76396  -12.07321 -3.54080  1.000 23.77886  ? 20 ASP A CB  1 
ATOM 150 C CG  . ASP A 1 20 ? -4.16173  -11.79255 -4.01184  1.000 39.66296  ? 20 ASP A CG  1 
ATOM 151 O OD1 . ASP A 1 20 ? -4.49740  -10.61184 -4.19505  1.000 54.91524  ? 20 ASP A OD1 1 
ATOM 152 O OD2 . ASP A 1 20 ? -4.93102  -12.75229 -4.19555  1.000 43.06815  ? 20 ASP A OD2 1 
ATOM 153 N N   . ALA A 1 21 ? 0.51036   -11.51826 -3.62846  1.000 40.54753  ? 21 ALA A N   1 
ATOM 154 C CA  . ALA A 1 21 ? 1.74836   -11.61352 -2.91026  1.000 44.91298  ? 21 ALA A CA  1 
ATOM 155 C C   . ALA A 1 21 ? 2.40568   -10.29415 -2.89074  1.000 46.57714  ? 21 ALA A C   1 
ATOM 156 O O   . ALA A 1 21 ? 2.77889   -9.80250  -1.84571  1.000 52.41799  ? 21 ALA A O   1 
ATOM 157 C CB  . ALA A 1 21 ? 2.63395   -12.58267 -3.62179  1.000 47.57051  ? 21 ALA A CB  1 
ATOM 158 N N   . ALA A 1 22 ? 2.56720   -9.71885  -4.05925  1.000 43.18740  ? 22 ALA A N   1 
ATOM 159 C CA  . ALA A 1 22 ? 3.17189   -8.42028  -4.17945  1.000 44.58751  ? 22 ALA A CA  1 
ATOM 160 C C   . ALA A 1 22 ? 2.42861   -7.37675  -3.40052  1.000 41.61109  ? 22 ALA A C   1 
ATOM 161 O O   . ALA A 1 22 ? 3.02733   -6.49214  -2.82155  1.000 42.42882  ? 22 ALA A O   1 
ATOM 162 C CB  . ALA A 1 22 ? 3.19096   -8.05328  -5.63262  1.000 35.64788  ? 22 ALA A CB  1 
ATOM 163 N N   . ILE A 1 23 ? 1.11792   -7.47205  -3.37877  1.000 34.81850  ? 23 ILE A N   1 
ATOM 164 C CA  . ILE A 1 23 ? 0.33205   -6.55166  -2.61373  1.000 36.10645  ? 23 ILE A CA  1 
ATOM 165 C C   . ILE A 1 23 ? 0.69283   -6.69400  -1.15877  1.000 48.28217  ? 23 ILE A C   1 
ATOM 166 O O   . ILE A 1 23 ? 0.95388   -5.71508  -0.48278  1.000 41.59532  ? 23 ILE A O   1 
ATOM 167 C CB  . ILE A 1 23 ? -1.15894  -6.81157  -2.81241  1.000 40.26909  ? 23 ILE A CB  1 
ATOM 168 C CG1 . ILE A 1 23 ? -1.59106  -6.38025  -4.20895  1.000 36.89558  ? 23 ILE A CG1 1 
ATOM 169 C CG2 . ILE A 1 23 ? -1.96864  -6.06441  -1.76919  1.000 45.40394  ? 23 ILE A CG2 1 
ATOM 170 C CD1 . ILE A 1 23 ? -2.99895  -6.79330  -4.56053  1.000 29.77560  ? 23 ILE A CD1 1 
ATOM 171 N N   . GLN A 1 24 ? 0.73714   -7.92100  -0.67230  1.000 52.33437  ? 24 GLN A N   1 
ATOM 172 C CA  . GLN A 1 24 ? 1.04734   -8.15091  0.73249   1.000 55.07934  ? 24 GLN A CA  1 
ATOM 173 C C   . GLN A 1 24 ? 2.51711   -7.98267  1.02778   1.000 58.26184  ? 24 GLN A C   1 
ATOM 174 O O   . GLN A 1 24 ? 2.88118   -7.52715  2.09697   1.000 61.05935  ? 24 GLN A O   1 
ATOM 175 C CB  . GLN A 1 24 ? 0.59674   -9.53593  1.15940   1.000 50.05108  ? 24 GLN A CB  1 
ATOM 176 C CG  . GLN A 1 24 ? -0.89893  -9.66511  1.35974   1.000 62.41733  ? 24 GLN A CG  1 
ATOM 177 C CD  . GLN A 1 24 ? -1.32029  -9.33127  2.77306   1.000 76.86058  ? 24 GLN A CD  1 
ATOM 178 O OE1 . GLN A 1 24 ? -0.68158  -8.52812  3.44924   1.000 75.96590  ? 24 GLN A OE1 1 
ATOM 179 N NE2 . GLN A 1 24 ? -2.40044  -9.95004  3.22948   1.000 78.92004  ? 24 GLN A NE2 1 
ATOM 180 N N   . ASN A 1 25 ? 3.36590   -8.38469  0.08889   1.000 53.73780  ? 25 ASN A N   1 
ATOM 181 C CA  . ASN A 1 25 ? 4.83338   -8.22314  0.26257   1.000 53.53721  ? 25 ASN A CA  1 
ATOM 182 C C   . ASN A 1 25 ? 5.17322   -6.74197  0.41816   1.000 57.24242  ? 25 ASN A C   1 
ATOM 183 O O   . ASN A 1 25 ? 5.95441   -6.41573  1.32432   1.000 68.22926  ? 25 ASN A O   1 
ATOM 184 C CB  . ASN A 1 25 ? 5.60646   -8.85298  -0.88967  1.000 56.82148  ? 25 ASN A CB  1 
ATOM 185 C CG  . ASN A 1 25 ? 5.93156   -10.30168 -0.62614  1.000 72.75881  ? 25 ASN A CG  1 
ATOM 186 O OD1 . ASN A 1 25 ? 5.83219   -10.76242 0.51640   1.000 87.82012  ? 25 ASN A OD1 1 
ATOM 187 N ND2 . ASN A 1 25 ? 6.31932   -11.03329 -1.66004  1.000 63.99936  ? 25 ASN A ND2 1 
ATOM 188 N N   . GLY A 1 26 ? 4.60917   -5.88182  -0.42462  1.000 51.42110  ? 26 GLY A N   1 
ATOM 189 C CA  . GLY A 1 26 ? 4.92149   -4.47621  -0.37026  1.000 42.82606  ? 26 GLY A CA  1 
ATOM 190 C C   . GLY A 1 26 ? 4.22310   -3.73732  0.72379   1.000 49.73766  ? 26 GLY A C   1 
ATOM 191 O O   . GLY A 1 26 ? 4.81444   -2.92630  1.40866   1.000 58.30285  ? 26 GLY A O   1 
ATOM 192 N N   . LEU A 1 27 ? 2.95132   -3.99722  0.88899   1.000 51.59123  ? 27 LEU A N   1 
ATOM 193 C CA  . LEU A 1 27 ? 2.22777   -3.35172  1.94207   1.000 57.56941  ? 27 LEU A CA  1 
ATOM 194 C C   . LEU A 1 27 ? 2.93700   -3.62419  3.24349   1.000 55.63755  ? 27 LEU A C   1 
ATOM 195 O O   . LEU A 1 27 ? 3.05219   -2.74803  4.09005   1.000 57.37998  ? 27 LEU A O   1 
ATOM 196 C CB  . LEU A 1 27 ? 0.79738   -3.87521  1.98969   1.000 53.04333  ? 27 LEU A CB  1 
ATOM 197 C CG  . LEU A 1 27 ? -0.26225  -3.28487  1.07028   1.000 53.25731  ? 27 LEU A CG  1 
ATOM 198 C CD1 . LEU A 1 27 ? -1.58106  -3.98648  1.33741   1.000 52.69508  ? 27 LEU A CD1 1 
ATOM 199 C CD2 . LEU A 1 27 ? -0.39408  -1.79142  1.29423   1.000 40.01473  ? 27 LEU A CD2 1 
ATOM 200 N N   . ALA A 1 28 ? 3.44031   -4.83317  3.40284   1.000 50.52621  ? 28 ALA A N   1 
ATOM 201 C CA  . ALA A 1 28 ? 4.09405   -5.23013  4.64015   1.000 55.78109  ? 28 ALA A CA  1 
ATOM 202 C C   . ALA A 1 28 ? 5.35327   -4.45907  4.97362   1.000 61.58379  ? 28 ALA A C   1 
ATOM 203 O O   . ALA A 1 28 ? 5.51001   -3.97698  6.08623   1.000 68.83541  ? 28 ALA A O   1 
ATOM 204 C CB  . ALA A 1 28 ? 4.41470   -6.69577  4.55371   1.000 63.30390  ? 28 ALA A CB  1 
ATOM 205 N N   . ARG A 1 29 ? 6.25054   -4.33398  4.01722   1.000 56.05915  ? 29 ARG A N   1 
ATOM 206 C CA  . ARG A 1 29 ? 7.45619   -3.57351  4.24043   1.000 64.04428  ? 29 ARG A CA  1 
ATOM 207 C C   . ARG A 1 29 ? 7.11695   -2.14559  4.55527   1.000 64.14188  ? 29 ARG A C   1 
ATOM 208 O O   . ARG A 1 29 ? 7.79229   -1.49264  5.33168   1.000 72.82698  ? 29 ARG A O   1 
ATOM 209 C CB  . ARG A 1 29 ? 8.33287   -3.62519  3.00622   1.000 63.79206  ? 29 ARG A CB  1 
ATOM 210 C CG  . ARG A 1 29 ? 9.22920   -2.41182  2.82657   1.000 71.19668  ? 29 ARG A CG  1 
ATOM 211 C CD  . ARG A 1 29 ? 10.45087  -2.48134  3.72884   1.000 69.74543  ? 29 ARG A CD  1 
ATOM 212 N NE  . ARG A 1 29 ? 11.26340  -1.27042  3.65369   1.000 74.61146  ? 29 ARG A NE  1 
ATOM 213 C CZ  . ARG A 1 29 ? 10.98771  -0.14468  4.30179   1.000 75.87551  ? 29 ARG A CZ  1 
ATOM 214 N NH1 . ARG A 1 29 ? 9.91596   -0.06946  5.07474   1.000 74.24969  ? 29 ARG A NH1 1 
ATOM 215 N NH2 . ARG A 1 29 ? 11.78130  0.90782   4.17794   1.000 75.11510  ? 29 ARG A NH2 1 
ATOM 216 N N   . ALA A 1 30 ? 6.05875   -1.65413  3.95997   1.000 55.83721  ? 30 ALA A N   1 
ATOM 217 C CA  . ALA A 1 30 ? 5.67961   -0.28676  4.17033   1.000 62.36721  ? 30 ALA A CA  1 
ATOM 218 C C   . ALA A 1 30 ? 5.35839   -0.05980  5.62040   1.000 68.58522  ? 30 ALA A C   1 
ATOM 219 O O   . ALA A 1 30 ? 5.70336   0.96902   6.18108   1.000 74.11146  ? 30 ALA A O   1 
ATOM 220 C CB  . ALA A 1 30 ? 4.48285   0.03979   3.31401   1.000 57.29882  ? 30 ALA A CB  1 
ATOM 221 N N   . ALA A 1 31 ? 4.70606   -1.02187  6.24101   1.000 67.02422  ? 31 ALA A N   1 
ATOM 222 C CA  . ALA A 1 31 ? 4.31053   -0.87577  7.63014   1.000 66.88870  ? 31 ALA A CA  1 
ATOM 223 C C   . ALA A 1 31 ? 5.48184   -1.03724  8.55362   1.000 75.96254  ? 31 ALA A C   1 
ATOM 224 O O   . ALA A 1 31 ? 5.50271   -0.46650  9.63760   1.000 79.00363  ? 31 ALA A O   1 
ATOM 225 C CB  . ALA A 1 31 ? 3.25759   -1.89845  7.97812   1.000 57.66167  ? 31 ALA A CB  1 
ATOM 226 N N   . GLN A 1 32 ? 6.44260   -1.86096  8.13658   1.000 69.33793  ? 32 GLN A N   1 
ATOM 227 C CA  . GLN A 1 32 ? 7.67042   -2.02960  8.94335   1.000 65.18068  ? 32 GLN A CA  1 
ATOM 228 C C   . GLN A 1 32 ? 8.15046   -0.64662  9.37059   1.000 74.20426  ? 32 GLN A C   1 
ATOM 229 O O   . GLN A 1 32 ? 8.79300   -0.55228  10.43305  1.000 89.37751  ? 32 GLN A O   1 
ATOM 230 C CB  . GLN A 1 32 ? 8.79844   -2.66713  8.13871   1.000 74.54135  ? 32 GLN A CB  1 
ATOM 231 C CG  . GLN A 1 32 ? 8.69648   -4.17978  7.98377   1.000 83.09275  ? 32 GLN A CG  1 
ATOM 232 C CD  . GLN A 1 32 ? 9.79440   -4.75263  7.11465   1.000 80.19272  ? 32 GLN A CD  1 
ATOM 233 O OE1 . GLN A 1 32 ? 10.80698  -4.09818  6.84330   1.000 79.50970  ? 32 GLN A OE1 1 
ATOM 234 N NE2 . GLN A 1 32 ? 9.60163   -5.98366  6.66411   1.000 94.89516  ? 32 GLN A NE2 1 
ATOM 235 N N   . THR A 1 33 ? 7.85406   0.38423   8.57613   1.000 74.06057  ? 33 THR A N   1 
ATOM 236 C CA  . THR A 1 33 ? 8.37147   1.70208   8.90043   1.000 77.35483  ? 33 THR A CA  1 
ATOM 237 C C   . THR A 1 33 ? 7.33932   2.82596   9.02194   1.000 79.81560  ? 33 THR A C   1 
ATOM 238 O O   . THR A 1 33 ? 7.68420   3.92215   9.45063   1.000 84.85384  ? 33 THR A O   1 
ATOM 239 C CB  . THR A 1 33 ? 9.40706   2.12093   7.84840   1.000 73.15544  ? 33 THR A CB  1 
ATOM 240 O OG1 . THR A 1 33 ? 8.87802   1.87704   6.54170   1.000 79.41720  ? 33 THR A OG1 1 
ATOM 241 C CG2 . THR A 1 33 ? 10.68444  1.32874   8.01927   1.000 75.04625  ? 33 THR A CG2 1 
ATOM 242 N N   . MET A 1 34 ? 6.09330   2.58985   8.64547   1.000 75.62178  ? 34 MET A N   1 
ATOM 243 C CA  . MET A 1 34 ? 5.12165   3.68585   8.68923   1.000 75.61514  ? 34 MET A CA  1 
ATOM 244 C C   . MET A 1 34 ? 4.02511   3.50495   9.71327   1.000 80.98688  ? 34 MET A C   1 
ATOM 245 O O   . MET A 1 34 ? 3.94019   2.46216   10.35236  1.000 82.80722  ? 34 MET A O   1 
ATOM 246 C CB  . MET A 1 34 ? 4.50551   3.91719   7.31064   1.000 79.72593  ? 34 MET A CB  1 
ATOM 247 C CG  . MET A 1 34 ? 5.34206   4.78578   6.38579   1.000 83.49465  ? 34 MET A CG  1 
ATOM 248 S SD  . MET A 1 34 ? 6.78674   3.93142   5.72768   1.000 98.27700  ? 34 MET A SD  1 
ATOM 249 C CE  . MET A 1 34 ? 6.23017   3.49981   4.08564   1.000 69.75774  ? 34 MET A CE  1 
ATOM 250 N N   . ARG A 1 35 ? 3.16335   4.50567   9.84890   1.000 81.03618  ? 35 ARG A N   1 
ATOM 251 C CA  . ARG A 1 35 ? 2.14838   4.47139   10.89636  1.000 80.01393  ? 35 ARG A CA  1 
ATOM 252 C C   . ARG A 1 35 ? 0.78711   4.19045   10.31937  1.000 74.78675  ? 35 ARG A C   1 
ATOM 253 O O   . ARG A 1 35 ? 0.40256   4.79632   9.33479   1.000 81.26634  ? 35 ARG A O   1 
ATOM 254 C CB  . ARG A 1 35 ? 2.23292   5.78163   11.66269  1.000 86.37254  ? 35 ARG A CB  1 
ATOM 255 C CG  . ARG A 1 35 ? 2.39064   7.01269   10.78339  1.000 79.50005  ? 35 ARG A CG  1 
ATOM 256 C CD  . ARG A 1 35 ? 1.91732   8.26545   11.50275  1.000 80.55317  ? 35 ARG A CD  1 
ATOM 257 N NE  . ARG A 1 35 ? 2.08731   9.46606   10.69015  1.000 91.97193  ? 35 ARG A NE  1 
ATOM 258 C CZ  . ARG A 1 35 ? 2.80979   10.51999  11.05509  1.000 93.21525  ? 35 ARG A CZ  1 
ATOM 259 N NH1 . ARG A 1 35 ? 3.43542   10.52602  12.22215  1.000 101.83326 ? 35 ARG A NH1 1 
ATOM 260 N NH2 . ARG A 1 35 ? 2.91052   11.56874  10.25188  1.000 83.97279  ? 35 ARG A NH2 1 
ATOM 261 N N   . ALA A 1 36 ? 0.04647   3.28794   10.93127  1.000 71.01165  ? 36 ALA A N   1 
ATOM 262 C CA  . ALA A 1 36 ? -1.35935  3.11923   10.60946  1.000 69.29608  ? 36 ALA A CA  1 
ATOM 263 C C   . ALA A 1 36 ? -1.83253  2.91430   9.20100   1.000 64.94451  ? 36 ALA A C   1 
ATOM 264 O O   . ALA A 1 36 ? -2.73292  3.60446   8.75603   1.000 68.95549  ? 36 ALA A O   1 
ATOM 265 C CB  . ALA A 1 36 ? -2.13157  4.27888   11.21358  1.000 67.43796  ? 36 ALA A CB  1 
ATOM 266 N N   . LEU A 1 37 ? -1.21645  2.00660   8.47141   1.000 53.52542  ? 37 LEU A N   1 
ATOM 267 C CA  . LEU A 1 37 ? -1.68181  1.73683   7.14893   1.000 49.88416  ? 37 LEU A CA  1 
ATOM 268 C C   . LEU A 1 37 ? -3.13992  1.47247   7.31374   1.000 55.22931  ? 37 LEU A C   1 
ATOM 269 O O   . LEU A 1 37 ? -3.52331  0.58640   8.04974   1.000 66.07348  ? 37 LEU A O   1 
ATOM 270 C CB  . LEU A 1 37 ? -0.96387  0.54463   6.56662   1.000 47.86399  ? 37 LEU A CB  1 
ATOM 271 C CG  . LEU A 1 37 ? 0.54449   0.70105   6.40159   1.000 58.94854  ? 37 LEU A CG  1 
ATOM 272 C CD1 . LEU A 1 37 ? 1.03796   -0.16865  5.25876   1.000 57.42983  ? 37 LEU A CD1 1 
ATOM 273 C CD2 . LEU A 1 37 ? 0.91676   2.15583   6.16973   1.000 62.81388  ? 37 LEU A CD2 1 
ATOM 274 N N   . ASP A 1 38 ? -3.97216  2.26871   6.67006   1.000 56.66730  ? 38 ASP A N   1 
ATOM 275 C CA  . ASP A 1 38 ? -5.40602  2.12091   6.80454   1.000 54.08044  ? 38 ASP A CA  1 
ATOM 276 C C   . ASP A 1 38 ? -6.01780  1.55767   5.53305   1.000 54.20720  ? 38 ASP A C   1 
ATOM 277 O O   . ASP A 1 38 ? -6.95048  0.78054   5.59613   1.000 63.43340  ? 38 ASP A O   1 
ATOM 278 C CB  . ASP A 1 38 ? -6.07293  3.45858   7.14979   1.000 52.63909  ? 38 ASP A CB  1 
ATOM 279 C CG  . ASP A 1 38 ? -5.37134  4.20239   8.25939   1.000 66.24741  ? 38 ASP A CG  1 
ATOM 280 O OD1 . ASP A 1 38 ? -5.44409  3.75277   9.41750   1.000 81.53865  ? 38 ASP A OD1 1 
ATOM 281 O OD2 . ASP A 1 38 ? -4.75203  5.24826   7.97987   1.000 60.26651  ? 38 ASP A OD2 1 
ATOM 282 N N   . TRP A 1 39 ? -5.50442  1.94405   4.37823   1.000 43.02650  ? 39 TRP A N   1 
ATOM 283 C CA  . TRP A 1 39 ? -6.05911  1.46455   3.13850   1.000 39.98773  ? 39 TRP A CA  1 
ATOM 284 C C   . TRP A 1 39 ? -5.06382  1.39332   2.00956   1.000 39.76953  ? 39 TRP A C   1 
ATOM 285 O O   . TRP A 1 39 ? -3.96736  1.90517   2.11131   1.000 45.14022  ? 39 TRP A O   1 
ATOM 286 C CB  . TRP A 1 39 ? -7.22865  2.34851   2.73509   1.000 35.80577  ? 39 TRP A CB  1 
ATOM 287 C CG  . TRP A 1 39 ? -6.95056  3.79839   2.69516   1.000 48.08320  ? 39 TRP A CG  1 
ATOM 288 C CD1 . TRP A 1 39 ? -7.04427  4.68125   3.72591   1.000 56.56549  ? 39 TRP A CD1 1 
ATOM 289 C CD2 . TRP A 1 39 ? -6.56369  4.55446   1.55272   1.000 38.55043  ? 39 TRP A CD2 1 
ATOM 290 N NE1 . TRP A 1 39 ? -6.72275  5.94114   3.29896   1.000 47.28132  ? 39 TRP A NE1 1 
ATOM 291 C CE2 . TRP A 1 39 ? -6.42245  5.88834   1.96530   1.000 38.22989  ? 39 TRP A CE2 1 
ATOM 292 C CE3 . TRP A 1 39 ? -6.31041  4.22958   0.22153   1.000 36.84942  ? 39 TRP A CE3 1 
ATOM 293 C CZ2 . TRP A 1 39 ? -6.04414  6.89423   1.09603   1.000 41.71199  ? 39 TRP A CZ2 1 
ATOM 294 C CZ3 . TRP A 1 39 ? -5.93680  5.22363   -0.63683  1.000 46.37219  ? 39 TRP A CZ3 1 
ATOM 295 C CH2 . TRP A 1 39 ? -5.80744  6.54259   -0.20091  1.000 55.11893  ? 39 TRP A CH2 1 
ATOM 296 N N   . PHE A 1 40 ? -5.44627  0.72789   0.93418   1.000 35.42387  ? 40 PHE A N   1 
ATOM 297 C CA  . PHE A 1 40 ? -4.58957  0.67849   -0.21665  1.000 38.03576  ? 40 PHE A CA  1 
ATOM 298 C C   . PHE A 1 40 ? -5.43034  0.68088   -1.46472  1.000 42.48449  ? 40 PHE A C   1 
ATOM 299 O O   . PHE A 1 40 ? -6.61025  0.39028   -1.41645  1.000 41.11761  ? 40 PHE A O   1 
ATOM 300 C CB  . PHE A 1 40 ? -3.68096  -0.53706  -0.16658  1.000 35.65653  ? 40 PHE A CB  1 
ATOM 301 C CG  . PHE A 1 40 ? -4.35415  -1.83440  -0.46741  1.000 40.77988  ? 40 PHE A CG  1 
ATOM 302 C CD1 . PHE A 1 40 ? -4.87523  -2.60329  0.55045   1.000 44.06644  ? 40 PHE A CD1 1 
ATOM 303 C CD2 . PHE A 1 40 ? -4.41719  -2.31237  -1.75861  1.000 41.41083  ? 40 PHE A CD2 1 
ATOM 304 C CE1 . PHE A 1 40 ? -5.47822  -3.81071  0.28245   1.000 36.56073  ? 40 PHE A CE1 1 
ATOM 305 C CE2 . PHE A 1 40 ? -5.01934  -3.51514  -2.03477  1.000 36.91813  ? 40 PHE A CE2 1 
ATOM 306 C CZ  . PHE A 1 40 ? -5.55019  -4.26694  -1.01283  1.000 32.79451  ? 40 PHE A CZ  1 
ATOM 307 N N   . GLU A 1 41 ? -4.83812  1.08390   -2.58016  1.000 38.08932  ? 41 GLU A N   1 
ATOM 308 C CA  . GLU A 1 41 ? -5.52730  1.08374   -3.85464  1.000 35.31416  ? 41 GLU A CA  1 
ATOM 309 C C   . GLU A 1 41 ? -4.54992  0.64009   -4.90531  1.000 38.79380  ? 41 GLU A C   1 
ATOM 310 O O   . GLU A 1 41 ? -3.46734  1.17462   -4.99306  1.000 41.74233  ? 41 GLU A O   1 
ATOM 311 C CB  . GLU A 1 41 ? -6.00756  2.47397   -4.19082  1.000 35.11803  ? 41 GLU A CB  1 
ATOM 312 C CG  . GLU A 1 41 ? -7.49405  2.59535   -4.44437  1.000 50.93950  ? 41 GLU A CG  1 
ATOM 313 C CD  . GLU A 1 41 ? -7.97918  4.02346   -4.32482  1.000 67.28918  ? 41 GLU A CD  1 
ATOM 314 O OE1 . GLU A 1 41 ? -7.84652  4.77652   -5.30749  1.000 71.60990  ? 41 GLU A OE1 1 
ATOM 315 O OE2 . GLU A 1 41 ? -8.49134  4.39424   -3.24909  1.000 59.77909  ? 41 GLU A OE2 1 
ATOM 316 N N   . VAL A 1 42 ? -4.92032  -0.34472  -5.70637  1.000 34.44513  ? 42 VAL A N   1 
ATOM 317 C CA  . VAL A 1 42 ? -4.04669  -0.79167  -6.77019  1.000 29.67578  ? 42 VAL A CA  1 
ATOM 318 C C   . VAL A 1 42 ? -4.16945  0.10836   -7.97012  1.000 34.78220  ? 42 VAL A C   1 
ATOM 319 O O   . VAL A 1 42 ? -5.26602  0.47735   -8.35278  1.000 39.74817  ? 42 VAL A O   1 
ATOM 320 C CB  . VAL A 1 42 ? -4.31602  -2.24447  -7.17170  1.000 24.59536  ? 42 VAL A CB  1 
ATOM 321 C CG1 . VAL A 1 42 ? -3.81037  -2.51606  -8.57567  1.000 26.87268  ? 42 VAL A CG1 1 
ATOM 322 C CG2 . VAL A 1 42 ? -3.66256  -3.18537  -6.17919  1.000 30.36060  ? 42 VAL A CG2 1 
ATOM 323 N N   . GLN A 1 43 ? -3.05345  0.46889   -8.57851  1.000 37.68922  ? 43 GLN A N   1 
ATOM 324 C CA  . GLN A 1 43 ? -3.07441  1.36236   -9.71243  1.000 30.84732  ? 43 GLN A CA  1 
ATOM 325 C C   . GLN A 1 43 ? -2.59325  0.69281   -10.95955 1.000 26.79221  ? 43 GLN A C   1 
ATOM 326 O O   . GLN A 1 43 ? -3.00520  1.05499   -12.03676 1.000 32.72213  ? 43 GLN A O   1 
ATOM 327 C CB  . GLN A 1 43 ? -2.20742  2.56717   -9.41156  1.000 30.81873  ? 43 GLN A CB  1 
ATOM 328 C CG  . GLN A 1 43 ? -2.52309  3.23965   -8.09224  1.000 41.28971  ? 43 GLN A CG  1 
ATOM 329 C CD  . GLN A 1 43 ? -3.35747  4.48548   -8.27162  1.000 51.43128  ? 43 GLN A CD  1 
ATOM 330 O OE1 . GLN A 1 43 ? -3.00568  5.37075   -9.04697  1.000 62.65346  ? 43 GLN A OE1 1 
ATOM 331 N NE2 . GLN A 1 43 ? -4.47088  4.56085   -7.55773  1.000 51.37125  ? 43 GLN A NE2 1 
ATOM 332 N N   . SER A 1 44 ? -1.73050  -0.29984  -10.81725 1.000 31.90628  ? 44 SER A N   1 
ATOM 333 C CA  . SER A 1 44 ? -1.20488  -1.03497  -11.96562 1.000 29.58794  ? 44 SER A CA  1 
ATOM 334 C C   . SER A 1 44 ? -0.75428  -2.41650  -11.63782 1.000 29.88213  ? 44 SER A C   1 
ATOM 335 O O   . SER A 1 44 ? -0.29670  -2.66019  -10.54404 1.000 34.34927  ? 44 SER A O   1 
ATOM 336 C CB  . SER A 1 44 ? 0.01613   -0.33210  -12.50577 1.000 26.26454  ? 44 SER A CB  1 
ATOM 337 O OG  . SER A 1 44 ? 0.24585   -0.67992  -13.85257 1.000 43.87163  ? 44 SER A OG  1 
ATOM 338 N N   . ILE A 1 45 ? -0.88219  -3.34557  -12.57400 1.000 25.66710  ? 45 ILE A N   1 
ATOM 339 C CA  . ILE A 1 45 ? -0.31665  -4.63834  -12.32799 1.000 27.65555  ? 45 ILE A CA  1 
ATOM 340 C C   . ILE A 1 45 ? 0.54076   -4.82323  -13.53056 1.000 28.92148  ? 45 ILE A C   1 
ATOM 341 O O   . ILE A 1 45 ? 0.05639   -4.90124  -14.63666 1.000 35.27722  ? 45 ILE A O   1 
ATOM 342 C CB  . ILE A 1 45 ? -1.41777  -5.69044  -12.25194 1.000 29.07119  ? 45 ILE A CB  1 
ATOM 343 C CG1 . ILE A 1 45 ? -2.33994  -5.41253  -11.07040 1.000 26.58298  ? 45 ILE A CG1 1 
ATOM 344 C CG2 . ILE A 1 45 ? -0.80921  -7.07619  -12.12684 1.000 28.55406  ? 45 ILE A CG2 1 
ATOM 345 C CD1 . ILE A 1 45 ? -3.60052  -6.23764  -11.08550 1.000 28.64107  ? 45 ILE A CD1 1 
ATOM 346 N N   . ARG A 1 46 ? 1.83337   -4.83730  -13.31764 1.000 30.54562  ? 46 ARG A N   1 
ATOM 347 C CA  . ARG A 1 46 ? 2.75747   -4.97089  -14.39130 1.000 34.67937  ? 46 ARG A CA  1 
ATOM 348 C C   . ARG A 1 46 ? 3.68432   -6.08189  -14.01698 1.000 37.02696  ? 46 ARG A C   1 
ATOM 349 O O   . ARG A 1 46 ? 3.45274   -6.78020  -13.05164 1.000 38.02209  ? 46 ARG A O   1 
ATOM 350 C CB  . ARG A 1 46 ? 3.53662   -3.68411  -14.55626 1.000 35.47670  ? 46 ARG A CB  1 
ATOM 351 C CG  . ARG A 1 46 ? 2.69706   -2.45603  -14.83740 1.000 41.87294  ? 46 ARG A CG  1 
ATOM 352 C CD  . ARG A 1 46 ? 3.53700   -1.37244  -15.49162 1.000 38.34972  ? 46 ARG A CD  1 
ATOM 353 N NE  . ARG A 1 46 ? 3.30082   -0.06334  -14.89473 1.000 54.86795  ? 46 ARG A NE  1 
ATOM 354 C CZ  . ARG A 1 46 ? 2.74467   0.95977   -15.53169 1.000 60.83651  ? 46 ARG A CZ  1 
ATOM 355 N NH1 . ARG A 1 46 ? 2.36297   0.83208   -16.79257 1.000 56.35899  ? 46 ARG A NH1 1 
ATOM 356 N NH2 . ARG A 1 46 ? 2.56866   2.11210   -14.90670 1.000 58.77070  ? 46 ARG A NH2 1 
ATOM 357 N N   . GLY A 1 47 ? 4.74129   -6.25134  -14.77752 1.000 38.54816  ? 47 GLY A N   1 
ATOM 358 C CA  . GLY A 1 47 ? 5.65028   -7.33742  -14.52483 1.000 39.72178  ? 47 GLY A CA  1 
ATOM 359 C C   . GLY A 1 47 ? 6.77126   -7.54752  -15.49544 1.000 39.74011  ? 47 GLY A C   1 
ATOM 360 O O   . GLY A 1 47 ? 6.70622   -7.10713  -16.62177 1.000 43.92251  ? 47 GLY A O   1 
ATOM 361 N N   . HIS A 1 48 ? 7.81542   -8.21995  -15.06429 1.000 52.40019  ? 48 HIS A N   1 
ATOM 362 C CA  . HIS A 1 48 ? 8.94432   -8.49749  -15.92749 1.000 57.24026  ? 48 HIS A CA  1 
ATOM 363 C C   . HIS A 1 48 ? 9.07442   -9.98582  -16.04363 1.000 61.06325  ? 48 HIS A C   1 
ATOM 364 O O   . HIS A 1 48 ? 8.75378   -10.71566 -15.12437 1.000 64.68548  ? 48 HIS A O   1 
ATOM 365 C CB  . HIS A 1 48 ? 10.21376  -7.89499  -15.34324 1.000 56.75269  ? 48 HIS A CB  1 
ATOM 366 C CG  . HIS A 1 48 ? 11.42132  -8.04373  -16.21195 1.000 74.65082  ? 48 HIS A CG  1 
ATOM 367 N ND1 . HIS A 1 48 ? 12.09964  -9.23532  -16.34729 1.000 83.03409  ? 48 HIS A ND1 1 
ATOM 368 C CD2 . HIS A 1 48 ? 12.09024  -7.14297  -16.96939 1.000 80.12108  ? 48 HIS A CD2 1 
ATOM 369 C CE1 . HIS A 1 48 ? 13.12511  -9.06627  -17.16358 1.000 76.51923  ? 48 HIS A CE1 1 
ATOM 370 N NE2 . HIS A 1 48 ? 13.14298  -7.80508  -17.55339 1.000 77.07793  ? 48 HIS A NE2 1 
ATOM 371 N N   . LEU A 1 49 ? 9.54613   -10.44395 -17.18098 1.000 60.32114  ? 49 LEU A N   1 
ATOM 372 C CA  . LEU A 1 49 ? 9.70760   -11.85975 -17.38876 1.000 71.48639  ? 49 LEU A CA  1 
ATOM 373 C C   . LEU A 1 49 ? 11.16968  -12.20143 -17.56043 1.000 78.86322  ? 49 LEU A C   1 
ATOM 374 O O   . LEU A 1 49 ? 11.72434  -12.04559 -18.64036 1.000 80.47398  ? 49 LEU A O   1 
ATOM 375 C CB  . LEU A 1 49 ? 8.90269   -12.36687 -18.57332 1.000 65.83817  ? 49 LEU A CB  1 
ATOM 376 C CG  . LEU A 1 49 ? 7.54471   -12.95022 -18.21101 1.000 70.55573  ? 49 LEU A CG  1 
ATOM 377 C CD1 . LEU A 1 49 ? 6.61337   -12.85655 -19.40416 1.000 79.23139  ? 49 LEU A CD1 1 
ATOM 378 C CD2 . LEU A 1 49 ? 7.71107   -14.39141 -17.76724 1.000 82.22609  ? 49 LEU A CD2 1 
ATOM 379 N N   . THR A 1 50 ? 11.80253  -12.64466 -16.48316 1.000 83.19277  ? 50 THR A N   1 
ATOM 380 C CA  . THR A 1 50 ? 13.19853  -13.03343 -16.53511 1.000 86.56158  ? 50 THR A CA  1 
ATOM 381 C C   . THR A 1 50 ? 13.29696  -14.49105 -16.90865 1.000 91.32675  ? 50 THR A C   1 
ATOM 382 O O   . THR A 1 50 ? 12.47523  -15.29441 -16.48548 1.000 91.31288  ? 50 THR A O   1 
ATOM 383 C CB  . THR A 1 50 ? 13.86971  -12.83461 -15.17664 1.000 87.12175  ? 50 THR A CB  1 
ATOM 384 O OG1 . THR A 1 50 ? 13.18921  -13.61822 -14.19054 1.000 93.65330  ? 50 THR A OG1 1 
ATOM 385 C CG2 . THR A 1 50 ? 13.81194  -11.37491 -14.76994 1.000 84.83371  ? 50 THR A CG2 1 
ATOM 386 N N   . ASP A 1 51 ? 14.30217  -14.85639 -17.68748 1.000 90.72187  ? 51 ASP A N   1 
ATOM 387 C CA  . ASP A 1 51 ? 14.40089  -16.23476 -18.15658 1.000 98.10178  ? 51 ASP A CA  1 
ATOM 388 C C   . ASP A 1 51 ? 13.18654  -16.53995 -18.99890 1.000 97.83884  ? 51 ASP A C   1 
ATOM 389 O O   . ASP A 1 51 ? 12.95996  -17.68660 -19.37791 1.000 94.35123  ? 51 ASP A O   1 
ATOM 390 C CB  . ASP A 1 51 ? 14.51493  -17.21727 -16.99473 1.000 94.83203  ? 51 ASP A CB  1 
ATOM 391 C CG  . ASP A 1 51 ? 15.57091  -16.80684 -15.99204 1.000 102.54473 ? 51 ASP A CG  1 
ATOM 392 O OD1 . ASP A 1 51 ? 16.58547  -16.21084 -16.40890 1.000 102.64648 ? 51 ASP A OD1 1 
ATOM 393 O OD2 . ASP A 1 51 ? 15.38678  -17.07625 -14.78757 1.000 103.03510 ? 51 ASP A OD2 1 
ATOM 394 N N   . GLY A 1 52 ? 12.39109  -15.52206 -19.28365 1.000 95.50775  ? 52 GLY A N   1 
ATOM 395 C CA  . GLY A 1 52 ? 11.25351  -15.69369 -20.17060 1.000 91.53569  ? 52 GLY A CA  1 
ATOM 396 C C   . GLY A 1 52 ? 10.10794  -16.42498 -19.50698 1.000 92.70176  ? 52 GLY A C   1 
ATOM 397 O O   . GLY A 1 52 ? 8.97839   -16.38898 -19.99402 1.000 99.98575  ? 52 GLY A O   1 
ATOM 398 N N   . THR A 1 53 ? 10.38267  -17.08455 -18.39036 1.000 88.77940  ? 53 THR A N   1 
ATOM 399 C CA  . THR A 1 53 ? 9.35494   -17.88399 -17.74425 1.000 92.46740  ? 53 THR A CA  1 
ATOM 400 C C   . THR A 1 53 ? 9.22556   -17.58929 -16.27667 1.000 92.90966  ? 53 THR A C   1 
ATOM 401 O O   . THR A 1 53 ? 8.55249   -18.31463 -15.55422 1.000 98.12162  ? 53 THR A O   1 
ATOM 402 C CB  . THR A 1 53 ? 9.68512   -19.37538 -17.86727 1.000 99.72446  ? 53 THR A CB  1 
ATOM 403 O OG1 . THR A 1 53 ? 8.67848   -20.14948 -17.20236 1.000 100.13963 ? 53 THR A OG1 1 
ATOM 404 C CG2 . THR A 1 53 ? 11.03922  -19.66853 -17.24580 1.000 94.57756  ? 53 THR A CG2 1 
ATOM 405 N N   . VAL A 1 54 ? 9.91398   -16.55473 -15.83013 1.000 88.67062  ? 54 VAL A N   1 
ATOM 406 C CA  . VAL A 1 54 ? 9.82551   -16.17110 -14.44413 1.000 85.03013  ? 54 VAL A CA  1 
ATOM 407 C C   . VAL A 1 54 ? 9.26796   -14.77813 -14.40053 1.000 80.05093  ? 54 VAL A C   1 
ATOM 408 O O   . VAL A 1 54 ? 9.99215   -13.81172 -14.59390 1.000 80.47111  ? 54 VAL A O   1 
ATOM 409 C CB  . VAL A 1 54 ? 11.19533  -16.18561 -13.76620 1.000 80.74966  ? 54 VAL A CB  1 
ATOM 410 C CG1 . VAL A 1 54 ? 11.03902  -16.14044 -12.25723 1.000 78.58085  ? 54 VAL A CG1 1 
ATOM 411 C CG2 . VAL A 1 54 ? 11.97971  -17.41342 -14.19087 1.000 89.81854  ? 54 VAL A CG2 1 
ATOM 412 N N   . ALA A 1 55 ? 7.97393   -14.66846 -14.14863 1.000 69.56500  ? 55 ALA A N   1 
ATOM 413 C CA  . ALA A 1 55 ? 7.38917   -13.35671 -14.04497 1.000 60.87590  ? 55 ALA A CA  1 
ATOM 414 C C   . ALA A 1 55 ? 7.63999   -12.82300 -12.68435 1.000 59.78018  ? 55 ALA A C   1 
ATOM 415 O O   . ALA A 1 55 ? 7.66957   -13.57044 -11.72602 1.000 71.04094  ? 55 ALA A O   1 
ATOM 416 C CB  . ALA A 1 55 ? 5.90288   -13.45069 -14.28007 1.000 56.79821  ? 55 ALA A CB  1 
ATOM 417 N N   . HIS A 1 56 ? 7.82589   -11.52402 -12.58210 1.000 55.18020  ? 56 HIS A N   1 
ATOM 418 C CA  . HIS A 1 56 ? 7.98531   -10.92651 -11.28333 1.000 63.41058  ? 56 HIS A CA  1 
ATOM 419 C C   . HIS A 1 56 ? 6.92405   -9.90151  -11.28775 1.000 55.30521  ? 56 HIS A C   1 
ATOM 420 O O   . HIS A 1 56 ? 7.09897   -8.82132  -11.80995 1.000 57.59198  ? 56 HIS A O   1 
ATOM 421 C CB  . HIS A 1 56 ? 9.36801   -10.33910 -11.08574 1.000 61.17421  ? 56 HIS A CB  1 
ATOM 422 C CG  . HIS A 1 56 ? 10.41406  -11.38198 -10.87899 1.000 72.35331  ? 56 HIS A CG  1 
ATOM 423 N ND1 . HIS A 1 56 ? 11.17256  -11.46171 -9.73253  1.000 84.51410  ? 56 HIS A ND1 1 
ATOM 424 C CD2 . HIS A 1 56 ? 10.79958  -12.41823 -11.65907 1.000 71.92441  ? 56 HIS A CD2 1 
ATOM 425 C CE1 . HIS A 1 56 ? 11.99624  -12.49012 -9.82502  1.000 92.97242  ? 56 HIS A CE1 1 
ATOM 426 N NE2 . HIS A 1 56 ? 11.78971  -13.08667 -10.98454 1.000 85.81001  ? 56 HIS A NE2 1 
ATOM 427 N N   . PHE A 1 57 ? 5.79072   -10.24939 -10.72721 1.000 44.82528  ? 57 PHE A N   1 
ATOM 428 C CA  . PHE A 1 57 ? 4.69088   -9.35271  -10.75638 1.000 39.67032  ? 57 PHE A CA  1 
ATOM 429 C C   . PHE A 1 57 ? 5.05187   -8.11790  -10.02627 1.000 41.34709  ? 57 PHE A C   1 
ATOM 430 O O   . PHE A 1 57 ? 5.57176   -8.17305  -8.93468  1.000 45.58789  ? 57 PHE A O   1 
ATOM 431 C CB  . PHE A 1 57 ? 3.48072   -9.99450  -10.11040 1.000 36.70172  ? 57 PHE A CB  1 
ATOM 432 C CG  . PHE A 1 57 ? 3.02021   -11.23542 -10.79262 1.000 39.07190  ? 57 PHE A CG  1 
ATOM 433 C CD1 . PHE A 1 57 ? 3.54064   -12.46098 -10.44585 1.000 48.25859  ? 57 PHE A CD1 1 
ATOM 434 C CD2 . PHE A 1 57 ? 2.06246   -11.17439 -11.77878 1.000 38.67986  ? 57 PHE A CD2 1 
ATOM 435 C CE1 . PHE A 1 57 ? 3.11855   -13.60877 -11.07390 1.000 43.87801  ? 57 PHE A CE1 1 
ATOM 436 C CE2 . PHE A 1 57 ? 1.63076   -12.31745 -12.41088 1.000 41.36644  ? 57 PHE A CE2 1 
ATOM 437 C CZ  . PHE A 1 57 ? 2.16062   -13.53663 -12.05852 1.000 38.67442  ? 57 PHE A CZ  1 
ATOM 438 N N   . GLN A 1 58 ? 4.78302   -6.98998  -10.63892 1.000 36.61042  ? 58 GLN A N   1 
ATOM 439 C CA  . GLN A 1 58 ? 5.01211   -5.72433  -9.99114  1.000 37.07233  ? 58 GLN A CA  1 
ATOM 440 C C   . GLN A 1 58 ? 3.71192   -4.98595  -9.89004  1.000 32.17789  ? 58 GLN A C   1 
ATOM 441 O O   . GLN A 1 58 ? 3.17176   -4.54588  -10.88144 1.000 33.12052  ? 58 GLN A O   1 
ATOM 442 C CB  . GLN A 1 58 ? 6.04380   -4.91577  -10.75277 1.000 36.43384  ? 58 GLN A CB  1 
ATOM 443 C CG  . GLN A 1 58 ? 7.28245   -5.69288  -11.14128 1.000 35.62374  ? 58 GLN A CG  1 
ATOM 444 C CD  . GLN A 1 58 ? 8.00844   -5.06069  -12.30142 1.000 42.68950  ? 58 GLN A CD  1 
ATOM 445 O OE1 . GLN A 1 58 ? 7.63743   -3.98804  -12.76401 1.000 45.21652  ? 58 GLN A OE1 1 
ATOM 446 N NE2 . GLN A 1 58 ? 9.04937   -5.72215  -12.77764 1.000 50.49139  ? 58 GLN A NE2 1 
ATOM 447 N N   . VAL A 1 59 ? 3.19758   -4.87615  -8.67708  1.000 26.31260  ? 59 VAL A N   1 
ATOM 448 C CA  . VAL A 1 59 ? 1.93911   -4.19266  -8.45012  1.000 29.91734  ? 59 VAL A CA  1 
ATOM 449 C C   . VAL A 1 59 ? 2.17535   -2.87879  -7.76324  1.000 37.29800  ? 59 VAL A C   1 
ATOM 450 O O   . VAL A 1 59 ? 2.83246   -2.81175  -6.73982  1.000 38.64955  ? 59 VAL A O   1 
ATOM 451 C CB  . VAL A 1 59 ? 0.91336   -5.04195  -7.65804  1.000 24.69532  ? 59 VAL A CB  1 
ATOM 452 C CG1 . VAL A 1 59 ? 1.41672   -5.33176  -6.26347  1.000 46.76439  ? 59 VAL A CG1 1 
ATOM 453 C CG2 . VAL A 1 59 ? -0.41267  -4.31713  -7.56978  1.000 29.03159  ? 59 VAL A CG2 1 
ATOM 454 N N   . THR A 1 60 ? 1.65745   -1.82093  -8.35775  1.000 38.51985  ? 60 THR A N   1 
ATOM 455 C CA  . THR A 1 60 ? 1.82702   -0.51205  -7.80353  1.000 33.06474  ? 60 THR A CA  1 
ATOM 456 C C   . THR A 1 60 ? 0.56731   -0.19212  -7.06901  1.000 33.31435  ? 60 THR A C   1 
ATOM 457 O O   . THR A 1 60 ? -0.51788  -0.41498  -7.55955  1.000 33.02342  ? 60 THR A O   1 
ATOM 458 C CB  . THR A 1 60 ? 2.14167   0.51744   -8.90190  1.000 28.67088  ? 60 THR A CB  1 
ATOM 459 O OG1 . THR A 1 60 ? 2.73749   1.67564   -8.31142  1.000 34.88332  ? 60 THR A OG1 1 
ATOM 460 C CG2 . THR A 1 60 ? 0.89823   0.94393   -9.60812  1.000 40.00203  ? 60 THR A CG2 1 
ATOM 461 N N   . MET A 1 61 ? 0.71116   0.29377   -5.85648  1.000 34.47834  ? 61 MET A N   1 
ATOM 462 C CA  . MET A 1 61 ? -0.43132  0.62620   -5.05870  1.000 34.83118  ? 61 MET A CA  1 
ATOM 463 C C   . MET A 1 61 ? -0.26865  1.93601   -4.36308  1.000 32.93120  ? 61 MET A C   1 
ATOM 464 O O   . MET A 1 61 ? 0.83937   2.36552   -4.12837  1.000 40.83412  ? 61 MET A O   1 
ATOM 465 C CB  . MET A 1 61 ? -0.67496  -0.42243  -3.98242  1.000 32.89349  ? 61 MET A CB  1 
ATOM 466 C CG  . MET A 1 61 ? -0.48632  -1.86401  -4.38250  1.000 37.96270  ? 61 MET A CG  1 
ATOM 467 S SD  . MET A 1 61 ? -0.13534  -2.80528  -2.89786  1.000 39.37222  ? 61 MET A SD  1 
ATOM 468 C CE  . MET A 1 61 ? 1.64878   -2.74369  -2.89198  1.000 36.33199  ? 61 MET A CE  1 
ATOM 469 N N   . LYS A 1 62 ? -1.36866  2.57834   -4.03280  1.000 29.99807  ? 62 LYS A N   1 
ATOM 470 C CA  . LYS A 1 62 ? -1.32303  3.79217   -3.27222  1.000 32.55500  ? 62 LYS A CA  1 
ATOM 471 C C   . LYS A 1 62 ? -1.81275  3.43551   -1.89461  1.000 37.81530  ? 62 LYS A C   1 
ATOM 472 O O   . LYS A 1 62 ? -2.90399  2.91408   -1.75106  1.000 36.10342  ? 62 LYS A O   1 
ATOM 473 C CB  . LYS A 1 62 ? -2.21195  4.84791   -3.89701  1.000 38.53334  ? 62 LYS A CB  1 
ATOM 474 C CG  . LYS A 1 62 ? -1.75074  5.34019   -5.24967  1.000 41.50871  ? 62 LYS A CG  1 
ATOM 475 C CD  . LYS A 1 62 ? -1.35689  6.80107   -5.18189  1.000 44.30128  ? 62 LYS A CD  1 
ATOM 476 C CE  . LYS A 1 62 ? -1.24265  7.39621   -6.57066  1.000 53.66346  ? 62 LYS A CE  1 
ATOM 477 N NZ  . LYS A 1 62 ? -2.58468  7.55000   -7.19311  1.000 85.92346  ? 62 LYS A NZ  1 
ATOM 478 N N   . VAL A 1 63 ? -1.00784  3.70038   -0.87314  1.000 41.44823  ? 63 VAL A N   1 
ATOM 479 C CA  . VAL A 1 63 ? -1.35681  3.33280   0.47696   1.000 34.06807  ? 63 VAL A CA  1 
ATOM 480 C C   . VAL A 1 63 ? -1.57995  4.54849   1.31360   1.000 36.58221  ? 63 VAL A C   1 
ATOM 481 O O   . VAL A 1 63 ? -0.87422  5.52283   1.18115   1.000 37.93119  ? 63 VAL A O   1 
ATOM 482 C CB  . VAL A 1 63 ? -0.26356  2.48379   1.10749   1.000 30.96860  ? 63 VAL A CB  1 
ATOM 483 C CG1 . VAL A 1 63 ? -0.81471  1.72452   2.29749   1.000 42.32678  ? 63 VAL A CG1 1 
ATOM 484 C CG2 . VAL A 1 63 ? 0.30263   1.52136   0.08393   1.000 37.96713  ? 63 VAL A CG2 1 
ATOM 485 N N   . GLY A 1 64 ? -2.55724  4.48242   2.19263   1.000 38.52254  ? 64 GLY A N   1 
ATOM 486 C CA  . GLY A 1 64 ? -2.91883  5.62798   2.99200   1.000 40.12277  ? 64 GLY A CA  1 
ATOM 487 C C   . GLY A 1 64 ? -2.85873  5.45879   4.48122   1.000 45.02276  ? 64 GLY A C   1 
ATOM 488 O O   . GLY A 1 64 ? -3.36003  4.48584   5.01147   1.000 49.12710  ? 64 GLY A O   1 
ATOM 489 N N   . PHE A 1 65 ? -2.24955  6.42589   5.14059   1.000 51.22032  ? 65 PHE A N   1 
ATOM 490 C CA  . PHE A 1 65 ? -2.04697  6.31648   6.55433   1.000 54.47900  ? 65 PHE A CA  1 
ATOM 491 C C   . PHE A 1 65 ? -2.34613  7.61756   7.24305   1.000 63.09246  ? 65 PHE A C   1 
ATOM 492 O O   . PHE A 1 65 ? -2.25183  8.67734   6.64351   1.000 60.61255  ? 65 PHE A O   1 
ATOM 493 C CB  . PHE A 1 65 ? -0.60467  5.91014   6.80687   1.000 54.80651  ? 65 PHE A CB  1 
ATOM 494 C CG  . PHE A 1 65 ? 0.40591   6.94589   6.44153   1.000 54.23654  ? 65 PHE A CG  1 
ATOM 495 C CD1 . PHE A 1 65 ? 0.72874   7.95818   7.32402   1.000 61.98156  ? 65 PHE A CD1 1 
ATOM 496 C CD2 . PHE A 1 65 ? 1.06693   6.88089   5.23329   1.000 56.05612  ? 65 PHE A CD2 1 
ATOM 497 C CE1 . PHE A 1 65 ? 1.67369   8.90593   6.99649   1.000 65.66971  ? 65 PHE A CE1 1 
ATOM 498 C CE2 . PHE A 1 65 ? 2.01371   7.82432   4.89882   1.000 56.48932  ? 65 PHE A CE2 1 
ATOM 499 C CZ  . PHE A 1 65 ? 2.31775   8.83725   5.78171   1.000 58.64708  ? 65 PHE A CZ  1 
ATOM 500 N N   . ARG A 1 66 ? -2.71134  7.54032   8.51141   1.000 72.96161  ? 66 ARG A N   1 
ATOM 501 C CA  . ARG A 1 66 ? -3.06177  8.73687   9.26013   1.000 70.19659  ? 66 ARG A CA  1 
ATOM 502 C C   . ARG A 1 66 ? -1.85532  9.44285   9.77585   1.000 71.87817  ? 66 ARG A C   1 
ATOM 503 O O   . ARG A 1 66 ? -0.96444  8.82563   10.34405  1.000 78.70260  ? 66 ARG A O   1 
ATOM 504 C CB  . ARG A 1 66 ? -3.94100  8.38675   10.45250  1.000 70.94442  ? 66 ARG A CB  1 
ATOM 505 C CG  . ARG A 1 66 ? -5.21175  7.63577   10.10981  1.000 73.62151  ? 66 ARG A CG  1 
ATOM 506 C CD  . ARG A 1 66 ? -6.26445  7.81854   11.19006  1.000 78.12539  ? 66 ARG A CD  1 
ATOM 507 N NE  . ARG A 1 66 ? -7.18666  6.68800   11.24852  1.000 84.95139  ? 66 ARG A NE  1 
ATOM 508 C CZ  . ARG A 1 66 ? -8.43142  6.76115   11.70563  1.000 77.23726  ? 66 ARG A CZ  1 
ATOM 509 N NH1 . ARG A 1 66 ? -8.90953  7.91355   12.14860  1.000 79.49256  ? 66 ARG A NH1 1 
ATOM 510 N NH2 . ARG A 1 66 ? -9.19806  5.68188   11.71976  1.000 68.91003  ? 66 ARG A NH2 1 
ATOM 511 N N   . LEU A 1 67 ? -1.83115  10.74774  9.60532   1.000 71.84520  ? 67 LEU A N   1 
ATOM 512 C CA  . LEU A 1 67 ? -0.72485  11.52356  10.10177  1.000 83.66576  ? 67 LEU A CA  1 
ATOM 513 C C   . LEU A 1 67 ? -1.20040  12.33707  11.28021  1.000 93.09039  ? 67 LEU A C   1 
ATOM 514 O O   . LEU A 1 67 ? -0.46704  12.52640  12.25203  1.000 92.55453  ? 67 LEU A O   1 
ATOM 515 C CB  . LEU A 1 67 ? -0.19285  12.43883  9.00748   1.000 72.77314  ? 67 LEU A CB  1 
ATOM 516 C CG  . LEU A 1 67 ? -1.16990  13.40403  8.34594   1.000 69.81086  ? 67 LEU A CG  1 
ATOM 517 C CD1 . LEU A 1 67 ? -1.04751  14.78507  8.96494   1.000 74.81078  ? 67 LEU A CD1 1 
ATOM 518 C CD2 . LEU A 1 67 ? -0.87671  13.46798  6.86004   1.000 67.36834  ? 67 LEU A CD2 1 
ATOM 519 N N   . GLU A 1 68 ? -2.43594  12.81314  11.21135  1.000 89.88564  ? 68 GLU A N   1 
ATOM 520 C CA  . GLU A 1 68 ? -2.95943  13.66741  12.26663  1.000 98.70397  ? 68 GLU A CA  1 
ATOM 521 C C   . GLU A 1 68 ? -2.94259  12.94696  13.59676  1.000 112.82389 ? 68 GLU A C   1 
ATOM 522 O O   . GLU A 1 68 ? -3.13087  11.73125  13.64580  1.000 111.82384 ? 68 GLU A O   1 
ATOM 523 C CB  . GLU A 1 68 ? -4.37988  14.10461  11.93262  1.000 90.59115  ? 68 GLU A CB  1 
ATOM 524 C CG  . GLU A 1 68 ? -4.95535  15.13414  12.88617  1.000 97.11299  ? 68 GLU A CG  1 
ATOM 525 C CD  . GLU A 1 68 ? -4.86886  16.54014  12.33310  1.000 91.71220  ? 68 GLU A CD  1 
ATOM 526 O OE1 . GLU A 1 68 ? -5.02732  16.70687  11.10683  1.000 79.87696  ? 68 GLU A OE1 1 
ATOM 527 O OE2 . GLU A 1 68 ? -4.64031  17.47753  13.12356  1.000 97.75397  ? 68 GLU A OE2 1 
ATOM 528 N N   . ASP A 1 69 ? -2.72086  13.69117  14.67686  1.000 115.56059 ? 69 ASP A N   1 
ATOM 529 C CA  . ASP A 1 69 ? -2.66754  13.08254  16.00120  1.000 119.64177 ? 69 ASP A CA  1 
ATOM 530 C C   . ASP A 1 69 ? -3.91647  12.27700  16.25955  1.000 122.13783 ? 69 ASP A C   1 
ATOM 531 O O   . ASP A 1 69 ? -5.00570  12.69653  15.87777  1.000 126.65463 ? 69 ASP A O   1 
ATOM 532 C CB  . ASP A 1 69 ? -2.51613  14.15008  17.08406  1.000 113.74659 ? 69 ASP A CB  1 
ATOM 533 C CG  . ASP A 1 69 ? -1.90238  13.60813  18.35531  1.000 110.15827 ? 69 ASP A CG  1 
ATOM 534 O OD1 . ASP A 1 69 ? -2.46414  12.65247  18.92936  1.000 108.74606 ? 69 ASP A OD1 1 
ATOM 535 O OD2 . ASP A 1 69 ? -0.85600  14.13997  18.78159  1.000 107.88861 ? 69 ASP A OD2 1 
ATOM 536 N N   . SER A 1 70 ? -3.77784  11.12279  16.89944  1.000 118.80379 ? 70 SER A N   1 
ATOM 537 C CA  . SER A 1 70 ? -4.95118  10.34889  17.25352  1.000 115.29501 ? 70 SER A CA  1 
ATOM 538 C C   . SER A 1 70 ? -5.75371  11.39331  17.98559  1.000 120.93565 ? 70 SER A C   1 
ATOM 539 O O   . SER A 1 70 ? -5.32437  11.90476  19.01668  1.000 123.23602 ? 70 SER A O   1 
ATOM 540 C CB  . SER A 1 70 ? -4.56886  9.12396   18.06851  1.000 113.42098 ? 70 SER A CB  1 
ATOM 541 O OG  . SER A 1 70 ? -5.67726  8.25882   18.23119  1.000 115.67592 ? 70 SER A OG  1 
ATOM 542 N N   . GLY A 1 71 ? -6.92027  11.71886  17.45526  1.000 118.04112 ? 71 GLY A N   1 
ATOM 543 C CA  . GLY A 1 71 ? -7.75388  12.71687  18.07650  1.000 113.43967 ? 71 GLY A CA  1 
ATOM 544 C C   . GLY A 1 71 ? -9.15447  12.18039  18.21752  1.000 118.54444 ? 71 GLY A C   1 
ATOM 545 O O   . GLY A 1 71 ? -9.39807  11.00284  17.96503  1.000 119.07243 ? 71 GLY A O   1 
ATOM 546 N N   . SER A 1 72 ? -10.08760 13.03988  18.60267  1.000 120.42654 ? 72 SER A N   1 
ATOM 547 C CA  . SER A 1 72 ? -11.45112 12.58817  18.82812  1.000 117.31218 ? 72 SER A CA  1 
ATOM 548 C C   . SER A 1 72 ? -12.01749 11.87838  17.63018  1.000 114.96434 ? 72 SER A C   1 
ATOM 549 O O   . SER A 1 72 ? -12.08551 12.44804  16.54630  1.000 111.80355 ? 72 SER A O   1 
ATOM 550 C CB  . SER A 1 72 ? -12.35938 13.77122  19.17108  1.000 113.87517 ? 72 SER A CB  1 
ATOM 551 O OG  . SER A 1 72 ? -13.69904 13.34969  19.33840  1.000 110.07238 ? 72 SER A OG  1 
ATOM 552 N N   . GLY A 1 73 ? -12.41261 10.62776  17.80891  1.000 114.96051 ? 73 GLY A N   1 
ATOM 553 C CA  . GLY A 1 73 ? -13.08126 9.93523   16.73093  1.000 115.28340 ? 73 GLY A CA  1 
ATOM 554 C C   . GLY A 1 73 ? -14.49231 10.46207  16.80914  1.000 114.97983 ? 73 GLY A C   1 
ATOM 555 O O   . GLY A 1 73 ? -15.34613 9.83962   17.43395  1.000 112.64951 ? 73 GLY A O   1 
ATOM 556 N N   . HIS A 1 74 ? -14.75100 11.60913  16.19056  1.000 112.34437 ? 74 HIS A N   1 
ATOM 557 C CA  . HIS A 1 74 ? -16.06391 12.22098  16.32519  1.000 112.59935 ? 74 HIS A CA  1 
ATOM 558 C C   . HIS A 1 74 ? -16.66172 12.75623  15.05152  1.000 112.29753 ? 74 HIS A C   1 
ATOM 559 O O   . HIS A 1 74 ? -15.99239 12.83780  14.02853  1.000 111.35766 ? 74 HIS A O   1 
ATOM 560 C CB  . HIS A 1 74 ? -15.97511 13.38529  17.31075  1.000 114.30750 ? 74 HIS A CB  1 
ATOM 561 C CG  . HIS A 1 74 ? -17.15998 13.50309  18.21573  1.000 115.78770 ? 74 HIS A CG  1 
ATOM 562 N ND1 . HIS A 1 74 ? -18.35440 14.05759  17.81011  1.000 114.42249 ? 74 HIS A ND1 1 
ATOM 563 C CD2 . HIS A 1 74 ? -17.33514 13.13783  19.50749  1.000 113.89144 ? 74 HIS A CD2 1 
ATOM 564 C CE1 . HIS A 1 74 ? -19.21371 14.02985  18.81215  1.000 111.47639 ? 74 HIS A CE1 1 
ATOM 565 N NE2 . HIS A 1 74 ? -18.62023 13.47719  19.85427  1.000 110.60313 ? 74 HIS A NE2 1 
ATOM 566 N N   . HIS A 1 75 ? -17.93182 13.12754  15.11639  1.000 111.98503 ? 75 HIS A N   1 
ATOM 567 C CA  . HIS A 1 75 ? -18.58815 13.72920  13.97507  1.000 103.91007 ? 75 HIS A CA  1 
ATOM 568 C C   . HIS A 1 75 ? -18.99324 15.08795  14.48209  1.000 109.27233 ? 75 HIS A C   1 
ATOM 569 O O   . HIS A 1 75 ? -19.53077 15.19798  15.58220  1.000 113.14897 ? 75 HIS A O   1 
ATOM 570 C CB  . HIS A 1 75 ? -19.80364 12.92473  13.56951  1.000 98.61313  ? 75 HIS A CB  1 
ATOM 571 C CG  . HIS A 1 75 ? -21.00088 13.15015  14.43960  1.000 108.72676 ? 75 HIS A CG  1 
ATOM 572 N ND1 . HIS A 1 75 ? -22.10972 13.84860  14.01148  1.000 106.88293 ? 75 HIS A ND1 1 
ATOM 573 C CD2 . HIS A 1 75 ? -21.26479 12.76992  15.71126  1.000 112.59132 ? 75 HIS A CD2 1 
ATOM 574 C CE1 . HIS A 1 75 ? -23.00454 13.88746  14.98191  1.000 101.30048 ? 75 HIS A CE1 1 
ATOM 575 N NE2 . HIS A 1 75 ? -22.51619 13.24190  16.02510  1.000 101.14335 ? 75 HIS A NE2 1 
ATOM 576 N N   . HIS A 1 76 ? -18.78261 16.13618  13.81199  1.000 98.00403  ? 76 HIS A N   1 
ATOM 577 C CA  . HIS A 1 76 ? -19.07886 17.45370  14.35104  1.000 89.48881  ? 76 HIS A CA  1 
ATOM 578 C C   . HIS A 1 76 ? -19.92268 18.30779  13.44065  1.000 82.62779  ? 76 HIS A C   1 
ATOM 579 O O   . HIS A 1 76 ? -19.67849 19.50053  13.32979  1.000 84.23720  ? 76 HIS A O   1 
ATOM 580 C CB  . HIS A 1 76 ? -17.77018 18.17650  14.62793  1.000 94.38399  ? 76 HIS A CB  1 
ATOM 581 C CG  . HIS A 1 76 ? -17.12255 17.78849  15.91955  1.000 107.71135 ? 76 HIS A CG  1 
ATOM 582 N ND1 . HIS A 1 76 ? -16.23963 16.73488  16.02235  1.000 113.32076 ? 76 HIS A ND1 1 
ATOM 583 C CD2 . HIS A 1 76 ? -17.21626 18.32282  17.15962  1.000 104.51764 ? 76 HIS A CD2 1 
ATOM 584 C CE1 . HIS A 1 76 ? -15.82089 16.63443  17.27076  1.000 110.20826 ? 76 HIS A CE1 1 
ATOM 585 N NE2 . HIS A 1 76 ? -16.40009 17.58532  17.98158  1.000 109.58946 ? 76 HIS A NE2 1 
ATOM 586 N N   . HIS A 1 77 ? -20.83401 17.71777  12.70497  1.000 82.16725  ? 77 HIS A N   1 
ATOM 587 C CA  . HIS A 1 77 ? -21.82699 18.46935  11.94145  1.000 78.18240  ? 77 HIS A CA  1 
ATOM 588 C C   . HIS A 1 77 ? -22.84975 17.56397  11.26944  1.000 75.43543  ? 77 HIS A C   1 
ATOM 589 O O   . HIS A 1 77 ? -23.41987 17.91743  10.24082  1.000 71.25719  ? 77 HIS A O   1 
ATOM 590 C CB  . HIS A 1 77 ? -21.07654 19.25968  10.87830  1.000 70.70900  ? 77 HIS A CB  1 
# 
